data_5X32
#
_entry.id   5X32
#
_cell.length_a   98.915
_cell.length_b   100.929
_cell.length_c   192.534
_cell.angle_alpha   90.00
_cell.angle_beta   90.00
_cell.angle_gamma   90.00
#
_symmetry.space_group_name_H-M   'I 2 2 2'
#
loop_
_entity.id
_entity.type
_entity.pdbx_description
1 polymer 'N-acylglucosamine 2-epimerase'
2 non-polymer 'PHOSPHATE ION'
3 water water
#
_entity_poly.entity_id   1
_entity_poly.type   'polypeptide(L)'
_entity_poly.pdbx_seq_one_letter_code
;MSYPAFDSKTFLEAHIEKTMAFYFPTCIDPEGGFFQFFKDDGSVYDPNTRHLVSSTRFIFNFAQAYLHTNIAEYKHAAVH
GIQYLRQRHQSQSGGYVWLLDGGTNLDETNHCYGLAFVILAYSNALQIGLSEAEVWIEVTYDLLETHFWENKHGLYLDEI
SSDWKTVSPYRGQNANMHMCEALMSAFDATQNPKYLDRAKLLAKNICQKQASLSNSNEVWEHYTNDWQIDWDYNKNDPKH
LFRPWGFQPGHQTEWAKLLLMLDKRSPENWYLPKAKYLFDLAYKKAWDTKKGGLHYGYAPDGTVCDPDKYFWVQAESFAA
AWLLYKATKDETYYKQYLTLWEFSWNHMIDHTFGAWYRILDENNAQYDNNKSPAGKTDYHTMGACYEVLKTLTL
;
_entity_poly.pdbx_strand_id   A,B
#
# COMPACT_ATOMS: atom_id res chain seq x y z
N MET A 1 -15.15 -40.52 19.44
CA MET A 1 -14.54 -39.62 18.46
C MET A 1 -15.47 -38.47 18.08
N SER A 2 -14.99 -37.25 18.29
CA SER A 2 -15.84 -36.09 18.09
C SER A 2 -15.18 -35.19 17.04
N TYR A 3 -14.04 -35.65 16.55
CA TYR A 3 -13.26 -34.96 15.56
C TYR A 3 -13.20 -35.87 14.36
N PRO A 4 -12.85 -35.32 13.18
CA PRO A 4 -12.55 -36.19 12.04
C PRO A 4 -11.22 -36.92 12.25
N ALA A 5 -11.01 -37.99 11.49
CA ALA A 5 -9.74 -38.69 11.55
C ALA A 5 -8.74 -37.90 10.71
N PHE A 6 -7.93 -37.08 11.37
CA PHE A 6 -7.08 -36.14 10.66
C PHE A 6 -5.97 -36.83 9.94
N ASP A 7 -5.70 -38.07 10.34
CA ASP A 7 -4.67 -38.87 9.70
C ASP A 7 -5.21 -39.84 8.63
N SER A 8 -6.48 -39.66 8.22
CA SER A 8 -7.09 -40.56 7.22
C SER A 8 -7.02 -40.00 5.80
N LYS A 9 -6.85 -40.87 4.82
CA LYS A 9 -6.88 -40.48 3.41
C LYS A 9 -8.21 -39.80 3.06
N THR A 10 -9.30 -40.39 3.54
CA THR A 10 -10.62 -39.85 3.28
C THR A 10 -10.76 -38.42 3.76
N PHE A 11 -10.33 -38.16 5.01
CA PHE A 11 -10.49 -36.81 5.53
C PHE A 11 -9.69 -35.79 4.74
N LEU A 12 -8.40 -36.08 4.54
CA LEU A 12 -7.50 -35.15 3.86
C LEU A 12 -8.01 -34.82 2.46
N GLU A 13 -8.45 -35.85 1.73
CA GLU A 13 -9.00 -35.65 0.39
C GLU A 13 -10.28 -34.84 0.41
N ALA A 14 -11.10 -35.07 1.44
CA ALA A 14 -12.37 -34.36 1.60
C ALA A 14 -12.14 -32.88 1.84
N HIS A 15 -11.20 -32.58 2.73
CA HIS A 15 -10.84 -31.22 3.07
C HIS A 15 -10.24 -30.47 1.90
N ILE A 16 -9.34 -31.15 1.18
CA ILE A 16 -8.78 -30.55 -0.02
C ILE A 16 -9.92 -30.26 -0.99
N GLU A 17 -10.84 -31.21 -1.14
CA GLU A 17 -11.90 -31.04 -2.14
C GLU A 17 -12.78 -29.85 -1.76
N LYS A 18 -12.99 -29.63 -0.47
CA LYS A 18 -13.88 -28.53 -0.09
C LYS A 18 -13.14 -27.18 -0.26
N THR A 19 -11.82 -27.22 -0.07
CA THR A 19 -11.04 -26.02 -0.29
C THR A 19 -10.99 -25.65 -1.77
N MET A 20 -10.82 -26.65 -2.61
CA MET A 20 -10.81 -26.46 -4.05
C MET A 20 -12.14 -25.84 -4.46
N ALA A 21 -13.22 -26.34 -3.86
CA ALA A 21 -14.56 -25.89 -4.20
C ALA A 21 -14.81 -24.45 -3.80
N PHE A 22 -14.12 -23.95 -2.76
CA PHE A 22 -14.25 -22.52 -2.43
C PHE A 22 -13.70 -21.60 -3.54
N TYR A 23 -12.62 -22.02 -4.20
CA TYR A 23 -11.92 -21.18 -5.19
C TYR A 23 -12.44 -21.40 -6.63
N PHE A 24 -12.84 -22.64 -6.92
CA PHE A 24 -13.31 -23.02 -8.26
C PHE A 24 -14.83 -23.03 -8.28
N PRO A 25 -15.44 -22.42 -9.34
CA PRO A 25 -14.79 -21.78 -10.48
C PRO A 25 -14.64 -20.26 -10.38
N THR A 26 -14.93 -19.70 -9.20
CA THR A 26 -14.90 -18.26 -8.99
C THR A 26 -13.58 -17.55 -9.33
N CYS A 27 -12.44 -18.20 -9.09
CA CYS A 27 -11.16 -17.52 -9.28
C CYS A 27 -10.79 -17.36 -10.75
N ILE A 28 -11.52 -18.06 -11.62
CA ILE A 28 -11.20 -18.02 -13.05
C ILE A 28 -11.62 -16.69 -13.66
N ASP A 29 -10.65 -15.96 -14.19
CA ASP A 29 -10.99 -14.73 -14.88
C ASP A 29 -11.08 -15.05 -16.38
N PRO A 30 -12.31 -14.97 -16.93
CA PRO A 30 -12.55 -15.36 -18.33
C PRO A 30 -11.64 -14.57 -19.25
N GLU A 31 -11.29 -13.35 -18.83
CA GLU A 31 -10.30 -12.49 -19.49
C GLU A 31 -8.88 -12.97 -19.44
N GLY A 32 -8.54 -13.86 -18.50
CA GLY A 32 -7.18 -14.30 -18.34
C GLY A 32 -6.71 -14.35 -16.88
N GLY A 33 -6.00 -15.43 -16.53
CA GLY A 33 -5.46 -15.58 -15.20
C GLY A 33 -6.51 -15.87 -14.14
N PHE A 34 -6.20 -15.48 -12.91
CA PHE A 34 -7.10 -15.72 -11.80
C PHE A 34 -7.39 -14.45 -11.03
N PHE A 35 -8.60 -14.36 -10.50
CA PHE A 35 -8.90 -13.36 -9.47
C PHE A 35 -8.15 -13.79 -8.20
N GLN A 36 -7.71 -12.81 -7.42
CA GLN A 36 -6.77 -13.11 -6.37
C GLN A 36 -7.16 -12.50 -5.00
N PHE A 37 -8.37 -12.01 -4.91
CA PHE A 37 -8.82 -11.35 -3.68
C PHE A 37 -10.22 -11.80 -3.32
N PHE A 38 -10.31 -12.65 -2.29
CA PHE A 38 -11.57 -13.29 -1.98
C PHE A 38 -12.04 -12.96 -0.58
N LYS A 39 -13.32 -12.70 -0.49
CA LYS A 39 -14.01 -12.49 0.77
C LYS A 39 -14.26 -13.85 1.41
N ASP A 40 -14.60 -13.88 2.69
CA ASP A 40 -14.95 -15.15 3.33
C ASP A 40 -16.00 -15.94 2.55
N ASP A 41 -17.00 -15.23 2.02
CA ASP A 41 -18.16 -15.85 1.36
C ASP A 41 -17.86 -16.35 -0.07
N GLY A 42 -16.68 -15.99 -0.58
CA GLY A 42 -16.26 -16.36 -1.91
C GLY A 42 -16.21 -15.19 -2.89
N SER A 43 -16.71 -14.04 -2.44
CA SER A 43 -16.81 -12.86 -3.31
C SER A 43 -15.45 -12.38 -3.73
N VAL A 44 -15.29 -12.03 -5.00
CA VAL A 44 -14.07 -11.37 -5.40
C VAL A 44 -14.22 -9.93 -4.96
N TYR A 45 -13.28 -9.40 -4.20
CA TYR A 45 -13.41 -8.03 -3.72
C TYR A 45 -12.38 -7.10 -4.33
N ASP A 46 -11.53 -7.65 -5.20
CA ASP A 46 -10.63 -6.85 -6.04
C ASP A 46 -10.21 -7.70 -7.23
N PRO A 47 -10.88 -7.49 -8.40
CA PRO A 47 -10.73 -8.32 -9.60
C PRO A 47 -9.60 -7.85 -10.51
N ASN A 48 -9.01 -6.72 -10.18
CA ASN A 48 -7.97 -6.20 -11.05
C ASN A 48 -6.56 -6.47 -10.58
N THR A 49 -6.28 -6.18 -9.31
CA THR A 49 -4.94 -6.33 -8.83
C THR A 49 -4.49 -7.77 -8.80
N ARG A 50 -3.34 -8.02 -9.39
CA ARG A 50 -2.79 -9.35 -9.41
C ARG A 50 -1.32 -9.40 -9.07
N HIS A 51 -0.98 -10.47 -8.37
CA HIS A 51 0.35 -10.65 -7.82
C HIS A 51 0.94 -11.95 -8.33
N LEU A 52 2.22 -11.91 -8.64
CA LEU A 52 2.90 -13.06 -9.19
C LEU A 52 2.74 -14.28 -8.28
N VAL A 53 2.79 -14.07 -6.95
CA VAL A 53 2.72 -15.18 -5.99
C VAL A 53 1.35 -15.89 -6.07
N SER A 54 0.25 -15.16 -6.24
CA SER A 54 -1.03 -15.87 -6.41
C SER A 54 -1.16 -16.45 -7.82
N SER A 55 -0.57 -15.78 -8.80
CA SER A 55 -0.63 -16.28 -10.17
C SER A 55 0.05 -17.63 -10.29
N THR A 56 1.19 -17.79 -9.61
CA THR A 56 1.89 -19.08 -9.61
C THR A 56 1.22 -20.07 -8.65
N ARG A 57 0.82 -19.60 -7.48
CA ARG A 57 0.31 -20.53 -6.49
C ARG A 57 -0.97 -21.18 -6.97
N PHE A 58 -1.79 -20.44 -7.73
CA PHE A 58 -3.03 -21.02 -8.26
C PHE A 58 -2.71 -22.11 -9.27
N ILE A 59 -1.60 -21.92 -9.98
CA ILE A 59 -1.13 -22.94 -10.90
C ILE A 59 -0.81 -24.19 -10.11
N PHE A 60 -0.09 -24.02 -9.00
CA PHE A 60 0.14 -25.15 -8.09
C PHE A 60 -1.18 -25.83 -7.66
N ASN A 61 -2.16 -25.02 -7.25
CA ASN A 61 -3.45 -25.53 -6.84
C ASN A 61 -4.04 -26.48 -7.86
N PHE A 62 -4.27 -25.94 -9.05
CA PHE A 62 -5.06 -26.69 -10.04
C PHE A 62 -4.25 -27.86 -10.58
N ALA A 63 -2.95 -27.68 -10.70
CA ALA A 63 -2.11 -28.78 -11.16
C ALA A 63 -2.14 -29.95 -10.17
N GLN A 64 -1.87 -29.66 -8.90
CA GLN A 64 -1.89 -30.69 -7.87
C GLN A 64 -3.26 -31.38 -7.78
N ALA A 65 -4.33 -30.59 -7.90
CA ALA A 65 -5.67 -31.16 -7.86
C ALA A 65 -5.89 -32.08 -9.05
N TYR A 66 -5.33 -31.71 -10.20
CA TYR A 66 -5.49 -32.57 -11.37
C TYR A 66 -4.69 -33.85 -11.20
N LEU A 67 -3.51 -33.74 -10.63
CA LEU A 67 -2.67 -34.91 -10.45
C LEU A 67 -3.30 -35.90 -9.49
N HIS A 68 -4.10 -35.40 -8.54
CA HIS A 68 -4.69 -36.29 -7.53
C HIS A 68 -6.12 -36.76 -7.82
N THR A 69 -6.92 -35.91 -8.45
CA THR A 69 -8.31 -36.26 -8.73
C THR A 69 -8.52 -36.64 -10.16
N ASN A 70 -7.54 -36.29 -10.99
CA ASN A 70 -7.63 -36.50 -12.44
C ASN A 70 -8.85 -35.84 -13.13
N ILE A 71 -9.41 -34.82 -12.50
CA ILE A 71 -10.50 -34.02 -13.07
C ILE A 71 -10.00 -33.06 -14.15
N ALA A 72 -10.54 -33.19 -15.36
CA ALA A 72 -9.99 -32.54 -16.55
C ALA A 72 -9.97 -31.01 -16.47
N GLU A 73 -11.08 -30.45 -15.97
CA GLU A 73 -11.18 -29.00 -15.93
C GLU A 73 -10.15 -28.37 -14.99
N TYR A 74 -9.55 -29.16 -14.10
CA TYR A 74 -8.48 -28.66 -13.24
C TYR A 74 -7.21 -28.46 -14.06
N LYS A 75 -6.94 -29.41 -14.95
CA LYS A 75 -5.84 -29.25 -15.88
C LYS A 75 -6.10 -28.04 -16.78
N HIS A 76 -7.37 -27.82 -17.13
CA HIS A 76 -7.66 -26.64 -17.94
C HIS A 76 -7.38 -25.34 -17.18
N ALA A 77 -7.73 -25.31 -15.90
CA ALA A 77 -7.51 -24.11 -15.10
C ALA A 77 -6.01 -23.90 -14.87
N ALA A 78 -5.26 -24.99 -14.71
CA ALA A 78 -3.80 -24.87 -14.53
C ALA A 78 -3.16 -24.31 -15.78
N VAL A 79 -3.60 -24.79 -16.94
CA VAL A 79 -3.09 -24.31 -18.22
C VAL A 79 -3.49 -22.85 -18.48
N HIS A 80 -4.74 -22.52 -18.19
CA HIS A 80 -5.17 -21.14 -18.25
C HIS A 80 -4.20 -20.26 -17.41
N GLY A 81 -3.85 -20.77 -16.23
CA GLY A 81 -2.92 -20.07 -15.35
C GLY A 81 -1.55 -19.90 -15.96
N ILE A 82 -1.03 -20.98 -16.56
CA ILE A 82 0.27 -20.92 -17.21
C ILE A 82 0.27 -19.87 -18.32
N GLN A 83 -0.82 -19.81 -19.07
CA GLN A 83 -0.93 -18.84 -20.15
C GLN A 83 -0.83 -17.43 -19.59
N TYR A 84 -1.57 -17.15 -18.52
CA TYR A 84 -1.51 -15.83 -17.91
C TYR A 84 -0.10 -15.53 -17.40
N LEU A 85 0.55 -16.56 -16.89
CA LEU A 85 1.87 -16.38 -16.33
C LEU A 85 2.80 -15.89 -17.42
N ARG A 86 2.76 -16.57 -18.56
CA ARG A 86 3.75 -16.35 -19.60
C ARG A 86 3.45 -15.14 -20.51
N GLN A 87 2.19 -14.80 -20.67
CA GLN A 87 1.86 -13.72 -21.60
C GLN A 87 1.69 -12.37 -20.93
N ARG A 88 1.33 -12.38 -19.65
CA ARG A 88 1.08 -11.15 -18.94
C ARG A 88 2.20 -10.86 -17.94
N HIS A 89 2.62 -11.88 -17.20
CA HIS A 89 3.62 -11.68 -16.15
C HIS A 89 5.02 -11.68 -16.71
N GLN A 90 5.27 -12.57 -17.67
CA GLN A 90 6.64 -12.71 -18.17
C GLN A 90 6.94 -11.58 -19.13
N SER A 91 7.69 -10.60 -18.65
CA SER A 91 8.10 -9.46 -19.43
C SER A 91 9.37 -9.68 -20.24
N GLN A 92 9.58 -8.67 -21.07
CA GLN A 92 10.76 -8.34 -21.86
C GLN A 92 12.07 -9.03 -21.49
N SER A 93 12.57 -8.59 -20.34
CA SER A 93 13.86 -8.96 -19.79
C SER A 93 13.99 -10.37 -19.25
N GLY A 94 12.95 -11.18 -19.41
CA GLY A 94 12.97 -12.51 -18.82
C GLY A 94 12.47 -12.51 -17.38
N GLY A 95 12.34 -11.32 -16.80
CA GLY A 95 11.89 -11.19 -15.42
C GLY A 95 10.38 -11.24 -15.41
N TYR A 96 9.79 -11.29 -14.21
CA TYR A 96 8.34 -11.38 -14.09
C TYR A 96 7.77 -10.21 -13.33
N VAL A 97 6.67 -9.68 -13.85
CA VAL A 97 5.96 -8.59 -13.21
C VAL A 97 5.47 -9.05 -11.81
N TRP A 98 5.86 -8.29 -10.79
CA TRP A 98 5.56 -8.62 -9.41
C TRP A 98 4.13 -8.26 -9.09
N LEU A 99 3.72 -7.06 -9.52
CA LEU A 99 2.35 -6.64 -9.25
C LEU A 99 1.76 -5.86 -10.42
N LEU A 100 0.48 -6.09 -10.71
CA LEU A 100 -0.11 -5.46 -11.88
C LEU A 100 -1.60 -5.20 -11.74
N ASP A 101 -2.09 -4.16 -12.42
CA ASP A 101 -3.52 -3.83 -12.47
C ASP A 101 -3.93 -3.69 -13.92
N GLY A 102 -4.73 -4.62 -14.41
CA GLY A 102 -5.13 -4.63 -15.80
C GLY A 102 -3.95 -4.65 -16.76
N GLY A 103 -3.91 -3.70 -17.67
CA GLY A 103 -2.83 -3.67 -18.63
C GLY A 103 -1.63 -2.88 -18.12
N THR A 104 -1.74 -2.38 -16.89
CA THR A 104 -0.65 -1.62 -16.27
C THR A 104 0.17 -2.43 -15.26
N ASN A 105 1.49 -2.32 -15.35
CA ASN A 105 2.34 -2.88 -14.31
C ASN A 105 2.53 -1.92 -13.15
N LEU A 106 2.34 -2.43 -11.93
CA LEU A 106 2.45 -1.62 -10.73
C LEU A 106 3.84 -1.77 -10.14
N ASP A 107 4.36 -2.98 -10.19
CA ASP A 107 5.68 -3.28 -9.67
C ASP A 107 6.40 -4.27 -10.56
N GLU A 108 7.57 -3.87 -11.07
CA GLU A 108 8.31 -4.70 -11.99
C GLU A 108 9.61 -5.18 -11.37
N THR A 109 9.77 -4.93 -10.07
CA THR A 109 10.96 -5.39 -9.36
C THR A 109 11.07 -6.90 -9.42
N ASN A 110 12.29 -7.37 -9.57
CA ASN A 110 12.57 -8.80 -9.61
C ASN A 110 12.85 -9.35 -8.23
N HIS A 111 11.93 -10.17 -7.74
CA HIS A 111 12.11 -10.83 -6.45
C HIS A 111 12.52 -12.28 -6.63
N CYS A 112 13.53 -12.72 -5.91
CA CYS A 112 13.96 -14.10 -5.97
C CYS A 112 12.82 -15.02 -5.52
N TYR A 113 12.07 -14.56 -4.50
CA TYR A 113 10.90 -15.26 -4.01
C TYR A 113 9.92 -15.62 -5.15
N GLY A 114 9.63 -14.61 -5.97
CA GLY A 114 8.79 -14.76 -7.13
C GLY A 114 9.35 -15.80 -8.09
N LEU A 115 10.64 -15.69 -8.39
CA LEU A 115 11.27 -16.62 -9.32
C LEU A 115 11.16 -18.08 -8.81
N ALA A 116 11.31 -18.26 -7.50
CA ALA A 116 11.14 -19.59 -6.92
C ALA A 116 9.74 -20.08 -7.24
N PHE A 117 8.74 -19.23 -7.02
CA PHE A 117 7.40 -19.74 -7.27
C PHE A 117 7.12 -19.92 -8.77
N VAL A 118 7.84 -19.18 -9.61
CA VAL A 118 7.75 -19.36 -11.05
C VAL A 118 8.27 -20.76 -11.42
N ILE A 119 9.41 -21.14 -10.85
CA ILE A 119 9.95 -22.49 -11.03
C ILE A 119 8.99 -23.56 -10.50
N LEU A 120 8.39 -23.32 -9.33
CA LEU A 120 7.43 -24.26 -8.77
C LEU A 120 6.27 -24.49 -9.73
N ALA A 121 5.71 -23.39 -10.23
CA ALA A 121 4.61 -23.44 -11.19
C ALA A 121 5.02 -24.19 -12.47
N TYR A 122 6.21 -23.93 -12.99
CA TYR A 122 6.65 -24.65 -14.19
C TYR A 122 6.81 -26.14 -13.93
N SER A 123 7.33 -26.52 -12.75
CA SER A 123 7.40 -27.94 -12.39
C SER A 123 6.02 -28.55 -12.53
N ASN A 124 5.03 -27.91 -11.91
CA ASN A 124 3.70 -28.48 -11.97
C ASN A 124 3.14 -28.57 -13.39
N ALA A 125 3.43 -27.53 -14.19
CA ALA A 125 3.08 -27.57 -15.61
C ALA A 125 3.65 -28.81 -16.25
N LEU A 126 4.94 -29.05 -16.04
CA LEU A 126 5.60 -30.21 -16.60
C LEU A 126 4.92 -31.50 -16.18
N GLN A 127 4.65 -31.66 -14.89
CA GLN A 127 4.13 -32.94 -14.42
C GLN A 127 2.73 -33.16 -14.94
N ILE A 128 2.00 -32.11 -15.32
CA ILE A 128 0.69 -32.34 -15.96
C ILE A 128 0.80 -32.42 -17.52
N GLY A 129 2.03 -32.45 -18.02
CA GLY A 129 2.29 -32.81 -19.41
C GLY A 129 2.67 -31.71 -20.38
N LEU A 130 2.93 -30.51 -19.88
CA LEU A 130 3.44 -29.49 -20.77
C LEU A 130 4.93 -29.77 -20.89
N SER A 131 5.28 -30.52 -21.92
CA SER A 131 6.64 -31.03 -22.15
C SER A 131 7.65 -29.90 -22.10
N GLU A 132 7.18 -28.74 -22.56
CA GLU A 132 8.01 -27.55 -22.70
C GLU A 132 8.51 -26.99 -21.37
N ALA A 133 7.78 -27.28 -20.30
CA ALA A 133 8.09 -26.70 -19.02
C ALA A 133 9.51 -27.06 -18.59
N GLU A 134 9.97 -28.25 -19.01
CA GLU A 134 11.30 -28.71 -18.65
C GLU A 134 12.33 -27.68 -19.07
N VAL A 135 12.09 -27.09 -20.24
CA VAL A 135 12.91 -26.00 -20.75
C VAL A 135 12.70 -24.70 -19.97
N TRP A 136 11.43 -24.37 -19.69
CA TRP A 136 11.10 -23.17 -18.92
C TRP A 136 11.81 -23.18 -17.57
N ILE A 137 11.76 -24.33 -16.91
CA ILE A 137 12.40 -24.49 -15.62
C ILE A 137 13.87 -24.15 -15.80
N GLU A 138 14.39 -24.76 -16.86
CA GLU A 138 15.81 -24.67 -17.18
C GLU A 138 16.15 -23.21 -17.47
N VAL A 139 15.24 -22.50 -18.15
CA VAL A 139 15.50 -21.10 -18.46
C VAL A 139 15.55 -20.30 -17.17
N THR A 140 14.54 -20.51 -16.33
CA THR A 140 14.37 -19.67 -15.16
C THR A 140 15.51 -19.89 -14.18
N TYR A 141 15.92 -21.14 -14.06
CA TYR A 141 17.07 -21.45 -13.23
C TYR A 141 18.28 -20.60 -13.67
N ASP A 142 18.48 -20.46 -14.97
CA ASP A 142 19.68 -19.74 -15.39
C ASP A 142 19.53 -18.24 -15.20
N LEU A 143 18.30 -17.75 -15.29
CA LEU A 143 18.05 -16.35 -14.98
C LEU A 143 18.52 -16.09 -13.55
N LEU A 144 18.32 -17.09 -12.70
CA LEU A 144 18.60 -16.93 -11.30
C LEU A 144 20.09 -17.05 -11.12
N GLU A 145 20.67 -18.00 -11.85
CA GLU A 145 22.10 -18.26 -11.75
C GLU A 145 22.86 -17.00 -12.12
N THR A 146 22.40 -16.39 -13.22
CA THR A 146 23.03 -15.21 -13.77
C THR A 146 22.86 -14.01 -12.85
N HIS A 147 21.69 -13.89 -12.23
CA HIS A 147 21.44 -12.62 -11.54
C HIS A 147 21.34 -12.72 -10.02
N PHE A 148 20.95 -13.87 -9.47
CA PHE A 148 20.68 -13.95 -8.04
C PHE A 148 21.65 -14.85 -7.29
N TRP A 149 22.18 -15.85 -7.99
CA TRP A 149 23.04 -16.82 -7.34
C TRP A 149 24.29 -16.17 -6.81
N GLU A 150 24.59 -16.39 -5.54
CA GLU A 150 25.76 -15.79 -4.93
C GLU A 150 26.70 -16.89 -4.47
N ASN A 151 27.48 -17.41 -5.42
CA ASN A 151 28.29 -18.59 -5.23
C ASN A 151 29.21 -18.58 -4.00
N LYS A 152 29.68 -17.42 -3.59
CA LYS A 152 30.65 -17.38 -2.50
C LYS A 152 29.97 -17.58 -1.13
N HIS A 153 28.63 -17.48 -1.11
CA HIS A 153 27.85 -17.73 0.10
C HIS A 153 26.95 -18.94 -0.03
N GLY A 154 26.75 -19.41 -1.25
CA GLY A 154 25.94 -20.57 -1.49
C GLY A 154 24.48 -20.25 -1.27
N LEU A 155 24.13 -18.98 -1.46
CA LEU A 155 22.76 -18.53 -1.27
C LEU A 155 22.32 -17.62 -2.40
N TYR A 156 21.03 -17.32 -2.45
CA TYR A 156 20.49 -16.36 -3.41
C TYR A 156 20.20 -15.05 -2.69
N LEU A 157 20.53 -13.94 -3.33
CA LEU A 157 20.12 -12.64 -2.80
C LEU A 157 18.60 -12.41 -3.05
N ASP A 158 18.08 -11.31 -2.55
CA ASP A 158 16.64 -11.22 -2.49
C ASP A 158 16.02 -10.53 -3.70
N GLU A 159 16.45 -9.32 -3.99
CA GLU A 159 15.82 -8.59 -5.08
C GLU A 159 16.76 -7.68 -5.85
N ILE A 160 16.51 -7.62 -7.16
CA ILE A 160 17.12 -6.66 -8.07
C ILE A 160 16.04 -5.78 -8.73
N SER A 161 16.37 -4.55 -9.07
CA SER A 161 15.38 -3.65 -9.67
C SER A 161 14.98 -4.14 -11.06
N SER A 162 13.98 -3.51 -11.67
CA SER A 162 13.47 -3.98 -12.96
C SER A 162 14.50 -3.88 -14.09
N ASP A 163 15.33 -2.83 -14.05
CA ASP A 163 16.39 -2.59 -15.05
C ASP A 163 17.52 -3.64 -15.00
N TRP A 164 17.58 -4.36 -13.87
CA TRP A 164 18.62 -5.34 -13.51
C TRP A 164 19.89 -4.66 -12.98
N LYS A 165 19.79 -3.40 -12.58
CA LYS A 165 21.01 -2.64 -12.31
C LYS A 165 21.27 -2.35 -10.85
N THR A 166 20.20 -2.18 -10.07
CA THR A 166 20.37 -1.89 -8.65
C THR A 166 20.07 -3.10 -7.78
N VAL A 167 21.10 -3.67 -7.15
CA VAL A 167 20.90 -4.82 -6.29
C VAL A 167 20.60 -4.36 -4.87
N SER A 168 19.60 -4.98 -4.26
CA SER A 168 19.25 -4.66 -2.89
C SER A 168 20.32 -5.20 -1.95
N PRO A 169 20.67 -4.41 -0.93
CA PRO A 169 21.62 -4.85 0.09
C PRO A 169 21.00 -5.96 0.94
N TYR A 170 19.69 -6.16 0.82
CA TYR A 170 19.01 -7.10 1.70
C TYR A 170 19.33 -8.55 1.32
N ARG A 171 19.56 -9.36 2.35
CA ARG A 171 19.60 -10.80 2.20
C ARG A 171 18.58 -11.40 3.16
N GLY A 172 17.87 -12.43 2.70
CA GLY A 172 16.83 -13.01 3.51
C GLY A 172 16.79 -14.51 3.36
N GLN A 173 16.38 -15.18 4.42
CA GLN A 173 16.25 -16.62 4.42
C GLN A 173 15.10 -17.11 3.54
N ASN A 174 14.03 -16.32 3.49
CA ASN A 174 12.76 -16.69 2.85
C ASN A 174 12.84 -17.13 1.40
N ALA A 175 13.53 -16.32 0.61
CA ALA A 175 13.70 -16.63 -0.80
C ALA A 175 14.44 -17.96 -0.92
N ASN A 176 15.43 -18.17 -0.07
CA ASN A 176 16.18 -19.44 -0.14
C ASN A 176 15.36 -20.65 0.31
N MET A 177 14.49 -20.46 1.29
CA MET A 177 13.62 -21.55 1.70
C MET A 177 12.72 -22.00 0.54
N HIS A 178 11.97 -21.04 0.00
CA HIS A 178 11.04 -21.41 -1.06
C HIS A 178 11.79 -21.84 -2.32
N MET A 179 12.99 -21.31 -2.48
CA MET A 179 13.82 -21.73 -3.58
C MET A 179 14.19 -23.19 -3.45
N CYS A 180 14.57 -23.60 -2.24
CA CYS A 180 14.89 -24.99 -1.95
C CYS A 180 13.73 -25.90 -2.26
N GLU A 181 12.56 -25.48 -1.80
CA GLU A 181 11.34 -26.22 -2.07
C GLU A 181 11.05 -26.39 -3.56
N ALA A 182 11.20 -25.27 -4.28
CA ALA A 182 10.87 -25.22 -5.68
C ALA A 182 11.78 -26.17 -6.43
N LEU A 183 13.06 -26.14 -6.06
CA LEU A 183 14.06 -26.97 -6.73
C LEU A 183 13.84 -28.46 -6.43
N MET A 184 13.32 -28.81 -5.25
CA MET A 184 12.88 -30.20 -5.05
C MET A 184 11.73 -30.59 -6.00
N SER A 185 10.80 -29.66 -6.18
CA SER A 185 9.68 -29.92 -7.11
C SER A 185 10.23 -30.14 -8.53
N ALA A 186 11.26 -29.37 -8.85
CA ALA A 186 11.89 -29.44 -10.17
C ALA A 186 12.59 -30.78 -10.33
N PHE A 187 13.32 -31.19 -9.30
CA PHE A 187 13.96 -32.50 -9.35
C PHE A 187 12.96 -33.64 -9.50
N ASP A 188 11.84 -33.58 -8.81
CA ASP A 188 10.84 -34.63 -8.97
C ASP A 188 10.27 -34.64 -10.40
N ALA A 189 10.04 -33.45 -10.94
CA ALA A 189 9.42 -33.33 -12.24
C ALA A 189 10.37 -33.70 -13.38
N THR A 190 11.66 -33.46 -13.19
CA THR A 190 12.63 -33.57 -14.28
C THR A 190 13.69 -34.61 -14.03
N GLN A 191 13.90 -34.95 -12.76
CA GLN A 191 14.96 -35.85 -12.35
C GLN A 191 16.37 -35.30 -12.60
N ASN A 192 16.46 -34.09 -13.13
CA ASN A 192 17.76 -33.42 -13.29
C ASN A 192 18.42 -33.14 -11.94
N PRO A 193 19.42 -33.95 -11.58
CA PRO A 193 20.07 -33.95 -10.26
C PRO A 193 20.77 -32.64 -9.88
N LYS A 194 20.88 -31.75 -10.87
CA LYS A 194 21.42 -30.41 -10.67
C LYS A 194 20.59 -29.68 -9.61
N TYR A 195 19.28 -29.78 -9.81
CA TYR A 195 18.33 -29.11 -8.97
C TYR A 195 18.34 -29.64 -7.54
N LEU A 196 18.34 -30.95 -7.40
CA LEU A 196 18.39 -31.57 -6.08
C LEU A 196 19.67 -31.14 -5.39
N ASP A 197 20.77 -31.03 -6.13
CA ASP A 197 22.03 -30.63 -5.51
C ASP A 197 21.96 -29.19 -5.00
N ARG A 198 21.29 -28.33 -5.76
CA ARG A 198 21.16 -26.95 -5.31
C ARG A 198 20.22 -26.88 -4.08
N ALA A 199 19.14 -27.67 -4.10
CA ALA A 199 18.23 -27.69 -2.96
C ALA A 199 18.98 -28.10 -1.72
N LYS A 200 19.80 -29.13 -1.83
CA LYS A 200 20.52 -29.58 -0.63
C LYS A 200 21.56 -28.58 -0.15
N LEU A 201 22.16 -27.85 -1.09
CA LEU A 201 23.13 -26.81 -0.72
C LEU A 201 22.46 -25.66 0.04
N LEU A 202 21.29 -25.25 -0.44
CA LEU A 202 20.50 -24.21 0.19
C LEU A 202 20.08 -24.66 1.59
N ALA A 203 19.60 -25.90 1.65
CA ALA A 203 19.21 -26.50 2.92
C ALA A 203 20.35 -26.42 3.91
N LYS A 204 21.54 -26.86 3.49
CA LYS A 204 22.72 -26.85 4.36
C LYS A 204 23.05 -25.43 4.82
N ASN A 205 23.08 -24.52 3.86
CA ASN A 205 23.49 -23.15 4.12
C ASN A 205 22.58 -22.35 5.04
N ILE A 206 21.29 -22.65 4.99
CA ILE A 206 20.33 -21.92 5.80
C ILE A 206 20.21 -22.63 7.14
N CYS A 207 19.97 -23.94 7.09
CA CYS A 207 19.74 -24.70 8.30
C CYS A 207 20.99 -25.03 9.11
N GLN A 208 22.17 -25.00 8.51
CA GLN A 208 23.38 -25.15 9.32
C GLN A 208 24.12 -23.84 9.47
N LYS A 209 24.67 -23.33 8.37
CA LYS A 209 25.54 -22.17 8.46
C LYS A 209 24.80 -20.96 8.98
N GLN A 210 23.79 -20.49 8.26
CA GLN A 210 23.07 -19.29 8.70
C GLN A 210 22.38 -19.46 10.05
N ALA A 211 21.94 -20.68 10.36
CA ALA A 211 21.32 -20.95 11.66
C ALA A 211 22.29 -20.78 12.82
N SER A 212 23.53 -21.24 12.64
CA SER A 212 24.55 -21.20 13.72
C SER A 212 24.78 -19.79 14.26
N LEU A 213 24.45 -18.81 13.44
CA LEU A 213 24.67 -17.40 13.75
C LEU A 213 23.74 -16.93 14.84
N SER A 214 22.73 -17.74 15.12
CA SER A 214 21.86 -17.42 16.23
C SER A 214 22.14 -18.27 17.46
N ASN A 215 21.90 -17.61 18.60
CA ASN A 215 21.87 -18.20 19.93
C ASN A 215 21.23 -19.59 20.00
N SER A 216 19.96 -19.64 19.58
CA SER A 216 19.13 -20.84 19.70
C SER A 216 19.38 -21.82 18.57
N ASN A 217 20.17 -21.37 17.59
CA ASN A 217 20.43 -22.10 16.35
C ASN A 217 19.18 -22.30 15.52
N GLU A 218 18.25 -21.36 15.65
CA GLU A 218 17.04 -21.33 14.82
C GLU A 218 17.25 -20.40 13.61
N VAL A 219 16.49 -20.60 12.54
CA VAL A 219 16.65 -19.76 11.35
C VAL A 219 16.03 -18.38 11.52
N TRP A 220 16.88 -17.36 11.43
CA TRP A 220 16.50 -15.96 11.56
C TRP A 220 16.15 -15.44 10.16
N GLU A 221 15.29 -14.43 10.07
CA GLU A 221 14.76 -14.05 8.76
C GLU A 221 15.72 -13.14 7.98
N HIS A 222 16.30 -12.19 8.69
CA HIS A 222 16.97 -11.05 8.06
C HIS A 222 18.49 -11.01 8.20
N TYR A 223 19.15 -10.89 7.06
CA TYR A 223 20.62 -10.86 7.03
C TYR A 223 21.13 -9.70 6.18
N THR A 224 22.31 -9.21 6.56
CA THR A 224 23.00 -8.16 5.81
C THR A 224 23.59 -8.75 4.54
N ASN A 225 24.05 -7.91 3.63
CA ASN A 225 24.63 -8.41 2.38
C ASN A 225 25.93 -9.18 2.61
N ASP A 226 26.40 -9.21 3.85
CA ASP A 226 27.51 -10.09 4.25
C ASP A 226 26.98 -11.49 4.55
N TRP A 227 25.66 -11.58 4.67
CA TRP A 227 24.97 -12.75 5.22
C TRP A 227 25.34 -12.91 6.70
N GLN A 228 25.63 -11.77 7.34
CA GLN A 228 25.68 -11.71 8.80
C GLN A 228 24.30 -11.34 9.34
N ILE A 229 24.01 -11.69 10.59
CA ILE A 229 22.68 -11.45 11.10
C ILE A 229 22.40 -9.97 11.35
N ASP A 230 21.32 -9.51 10.74
CA ASP A 230 20.76 -8.19 11.00
C ASP A 230 19.76 -8.27 12.16
N TRP A 231 20.16 -7.79 13.33
CA TRP A 231 19.24 -7.70 14.46
C TRP A 231 18.28 -6.51 14.31
N PRO A 244 8.95 -8.43 9.45
CA PRO A 244 8.64 -8.65 10.88
C PRO A 244 9.90 -9.03 11.67
N TRP A 245 9.92 -8.72 12.97
CA TRP A 245 11.10 -8.98 13.79
C TRP A 245 10.95 -10.18 14.73
N GLY A 246 11.94 -11.05 14.76
CA GLY A 246 11.90 -12.18 15.67
C GLY A 246 11.99 -13.50 14.93
N PHE A 247 11.98 -14.60 15.67
CA PHE A 247 11.95 -15.87 15.00
C PHE A 247 10.51 -16.16 14.67
N GLN A 248 10.36 -16.68 13.47
CA GLN A 248 9.11 -17.12 12.87
C GLN A 248 8.98 -18.65 12.93
N PRO A 249 8.20 -19.18 13.88
CA PRO A 249 7.95 -20.62 14.11
C PRO A 249 7.58 -21.36 12.84
N GLY A 250 6.77 -20.71 12.02
CA GLY A 250 6.31 -21.32 10.78
C GLY A 250 7.44 -21.66 9.84
N HIS A 251 8.50 -20.86 9.85
CA HIS A 251 9.65 -21.14 8.99
C HIS A 251 10.57 -22.19 9.61
N GLN A 252 10.57 -22.29 10.93
CA GLN A 252 11.31 -23.35 11.58
C GLN A 252 10.68 -24.69 11.19
N THR A 253 9.36 -24.78 11.32
CA THR A 253 8.68 -26.05 11.07
C THR A 253 8.62 -26.35 9.58
N GLU A 254 8.55 -25.29 8.79
CA GLU A 254 8.56 -25.44 7.33
C GLU A 254 9.90 -26.04 6.94
N TRP A 255 10.97 -25.51 7.52
CA TRP A 255 12.29 -26.08 7.29
C TRP A 255 12.40 -27.53 7.75
N ALA A 256 11.89 -27.86 8.94
CA ALA A 256 11.84 -29.26 9.35
C ALA A 256 11.26 -30.14 8.24
N LYS A 257 10.14 -29.68 7.69
CA LYS A 257 9.50 -30.42 6.61
C LYS A 257 10.43 -30.58 5.40
N LEU A 258 11.02 -29.47 4.96
CA LEU A 258 11.92 -29.52 3.82
C LEU A 258 13.09 -30.49 4.08
N LEU A 259 13.69 -30.44 5.26
CA LEU A 259 14.77 -31.37 5.61
C LEU A 259 14.32 -32.82 5.51
N LEU A 260 13.12 -33.14 5.98
CA LEU A 260 12.70 -34.54 5.94
C LEU A 260 12.41 -34.97 4.50
N MET A 261 11.87 -34.03 3.73
CA MET A 261 11.62 -34.29 2.33
C MET A 261 12.95 -34.53 1.55
N LEU A 262 13.99 -33.78 1.90
CA LEU A 262 15.30 -33.97 1.31
C LEU A 262 15.91 -35.29 1.81
N ASP A 263 15.63 -35.62 3.06
CA ASP A 263 16.18 -36.83 3.67
C ASP A 263 15.60 -38.07 3.01
N LYS A 264 14.44 -37.95 2.35
CA LYS A 264 13.97 -39.15 1.67
C LYS A 264 14.50 -39.19 0.25
N ARG A 265 14.87 -38.04 -0.31
CA ARG A 265 15.38 -38.04 -1.67
C ARG A 265 16.87 -38.32 -1.72
N SER A 266 17.63 -37.61 -0.91
CA SER A 266 19.07 -37.76 -0.90
C SER A 266 19.55 -37.59 0.53
N PRO A 267 19.55 -38.70 1.30
CA PRO A 267 19.76 -38.72 2.76
C PRO A 267 21.04 -38.07 3.26
N GLU A 268 20.99 -37.62 4.51
CA GLU A 268 22.08 -36.89 5.15
C GLU A 268 21.88 -37.00 6.66
N ASN A 269 22.91 -37.38 7.41
CA ASN A 269 22.68 -37.82 8.78
C ASN A 269 22.33 -36.68 9.77
N TRP A 270 22.45 -35.42 9.36
CA TRP A 270 22.04 -34.31 10.23
C TRP A 270 20.59 -33.85 9.97
N TYR A 271 19.98 -34.30 8.87
CA TYR A 271 18.64 -33.88 8.49
C TYR A 271 17.62 -34.10 9.61
N LEU A 272 17.47 -35.35 10.04
CA LEU A 272 16.46 -35.69 11.03
C LEU A 272 16.70 -35.06 12.40
N PRO A 273 17.95 -35.10 12.93
CA PRO A 273 18.12 -34.40 14.20
C PRO A 273 17.85 -32.88 14.10
N LYS A 274 18.19 -32.27 12.97
CA LYS A 274 17.95 -30.83 12.86
C LYS A 274 16.44 -30.55 12.74
N ALA A 275 15.74 -31.30 11.89
CA ALA A 275 14.27 -31.19 11.79
C ALA A 275 13.64 -31.36 13.18
N LYS A 276 14.12 -32.37 13.89
CA LYS A 276 13.61 -32.71 15.19
C LYS A 276 13.84 -31.52 16.14
N TYR A 277 15.01 -30.93 16.04
CA TYR A 277 15.40 -29.83 16.93
C TYR A 277 14.57 -28.56 16.69
N LEU A 278 14.54 -28.11 15.43
CA LEU A 278 13.77 -26.94 15.01
C LEU A 278 12.31 -27.09 15.37
N PHE A 279 11.73 -28.24 15.04
CA PHE A 279 10.31 -28.39 15.36
C PHE A 279 10.07 -28.35 16.87
N ASP A 280 10.84 -29.11 17.64
CA ASP A 280 10.61 -29.17 19.09
C ASP A 280 10.69 -27.78 19.70
N LEU A 281 11.77 -27.07 19.33
CA LEU A 281 12.00 -25.72 19.82
C LEU A 281 10.89 -24.75 19.41
N ALA A 282 10.57 -24.73 18.11
CA ALA A 282 9.54 -23.80 17.59
C ALA A 282 8.19 -24.07 18.25
N TYR A 283 7.74 -25.31 18.18
CA TYR A 283 6.44 -25.65 18.72
C TYR A 283 6.40 -25.31 20.21
N LYS A 284 7.41 -25.71 20.96
CA LYS A 284 7.37 -25.44 22.39
C LYS A 284 7.33 -23.95 22.67
N LYS A 285 8.07 -23.15 21.90
CA LYS A 285 8.02 -21.72 22.14
C LYS A 285 6.72 -21.04 21.71
N ALA A 286 6.05 -21.55 20.67
CA ALA A 286 4.99 -20.77 20.04
C ALA A 286 3.58 -21.30 20.28
N TRP A 287 3.48 -22.46 20.90
CA TRP A 287 2.16 -23.02 21.12
C TRP A 287 1.46 -22.29 22.25
N ASP A 288 0.27 -21.82 21.95
CA ASP A 288 -0.57 -21.11 22.89
C ASP A 288 -1.29 -22.14 23.75
N THR A 289 -0.77 -22.39 24.95
CA THR A 289 -1.25 -23.47 25.84
C THR A 289 -2.64 -23.26 26.42
N LYS A 290 -3.16 -22.04 26.34
CA LYS A 290 -4.50 -21.75 26.87
C LYS A 290 -5.60 -21.80 25.80
N LYS A 291 -5.35 -21.16 24.67
CA LYS A 291 -6.36 -21.07 23.63
C LYS A 291 -6.04 -21.87 22.37
N GLY A 292 -4.82 -22.41 22.29
CA GLY A 292 -4.40 -23.23 21.16
C GLY A 292 -3.69 -22.54 20.01
N GLY A 293 -3.02 -23.31 19.16
CA GLY A 293 -2.41 -22.81 17.95
C GLY A 293 -1.06 -22.17 18.14
N LEU A 294 -0.29 -22.03 17.07
CA LEU A 294 1.00 -21.36 17.14
C LEU A 294 0.92 -19.87 16.86
N HIS A 295 1.52 -19.13 17.77
CA HIS A 295 1.75 -17.71 17.59
C HIS A 295 2.65 -17.44 16.40
N TYR A 296 2.62 -16.21 15.92
CA TYR A 296 3.32 -15.86 14.69
C TYR A 296 4.82 -15.66 14.85
N GLY A 297 5.23 -15.13 16.00
CA GLY A 297 6.63 -14.84 16.18
C GLY A 297 7.02 -14.60 17.63
N TYR A 298 8.23 -15.05 17.95
CA TYR A 298 8.81 -14.84 19.29
C TYR A 298 10.21 -14.26 19.17
N ALA A 299 10.71 -13.70 20.28
CA ALA A 299 12.06 -13.14 20.30
C ALA A 299 13.07 -14.26 20.46
N PRO A 300 14.35 -13.97 20.15
CA PRO A 300 15.43 -14.92 20.48
C PRO A 300 15.39 -15.23 21.97
N ASP A 301 14.96 -14.22 22.71
CA ASP A 301 14.48 -14.35 24.07
C ASP A 301 13.58 -15.57 24.30
N GLY A 302 12.72 -15.87 23.33
CA GLY A 302 11.69 -16.88 23.50
C GLY A 302 10.36 -16.26 23.89
N THR A 303 10.39 -14.99 24.27
CA THR A 303 9.15 -14.25 24.51
C THR A 303 8.30 -14.15 23.25
N VAL A 304 7.02 -14.51 23.34
CA VAL A 304 6.11 -14.30 22.21
C VAL A 304 5.93 -12.81 21.99
N CYS A 305 6.24 -12.34 20.79
CA CYS A 305 6.15 -10.92 20.53
C CYS A 305 5.14 -10.55 19.43
N ASP A 306 4.52 -11.56 18.83
CA ASP A 306 3.38 -11.39 17.94
C ASP A 306 2.47 -12.61 18.10
N PRO A 307 1.35 -12.43 18.77
CA PRO A 307 0.54 -13.59 19.13
C PRO A 307 -0.50 -14.00 18.10
N ASP A 308 -0.57 -13.31 16.98
CA ASP A 308 -1.58 -13.63 15.98
C ASP A 308 -1.38 -15.04 15.44
N LYS A 309 -2.49 -15.65 15.04
CA LYS A 309 -2.46 -17.01 14.54
C LYS A 309 -2.74 -17.08 13.02
N TYR A 310 -1.72 -17.42 12.26
CA TYR A 310 -1.78 -17.48 10.81
C TYR A 310 -2.04 -18.91 10.30
N PHE A 311 -2.70 -19.02 9.16
CA PHE A 311 -3.04 -20.32 8.60
C PHE A 311 -1.81 -21.12 8.17
N TRP A 312 -0.90 -20.45 7.48
CA TRP A 312 0.20 -21.18 6.88
C TRP A 312 1.11 -21.77 7.96
N VAL A 313 1.19 -21.11 9.12
CA VAL A 313 1.99 -21.60 10.24
C VAL A 313 1.43 -22.90 10.81
N GLN A 314 0.11 -22.92 11.01
CA GLN A 314 -0.58 -24.12 11.45
C GLN A 314 -0.41 -25.26 10.45
N ALA A 315 -0.46 -24.94 9.16
CA ALA A 315 -0.44 -25.98 8.15
C ALA A 315 0.97 -26.53 7.94
N GLU A 316 1.95 -25.66 7.76
CA GLU A 316 3.33 -26.11 7.57
C GLU A 316 3.74 -26.92 8.82
N SER A 317 3.25 -26.50 9.99
CA SER A 317 3.61 -27.21 11.21
C SER A 317 2.96 -28.58 11.28
N PHE A 318 1.72 -28.77 10.83
CA PHE A 318 1.22 -30.13 10.91
C PHE A 318 1.82 -31.02 9.80
N ALA A 319 2.28 -30.43 8.70
CA ALA A 319 3.02 -31.25 7.74
C ALA A 319 4.36 -31.74 8.36
N ALA A 320 5.07 -30.80 8.99
CA ALA A 320 6.35 -31.09 9.59
C ALA A 320 6.14 -32.17 10.65
N ALA A 321 5.08 -32.00 11.45
CA ALA A 321 4.78 -32.95 12.52
C ALA A 321 4.54 -34.34 11.96
N TRP A 322 3.79 -34.42 10.86
CA TRP A 322 3.48 -35.73 10.31
C TRP A 322 4.73 -36.42 9.83
N LEU A 323 5.58 -35.66 9.14
CA LEU A 323 6.82 -36.22 8.64
C LEU A 323 7.69 -36.70 9.80
N LEU A 324 7.74 -35.91 10.86
CA LEU A 324 8.53 -36.22 12.03
C LEU A 324 8.03 -37.50 12.68
N TYR A 325 6.72 -37.68 12.65
CA TYR A 325 6.14 -38.84 13.28
C TYR A 325 6.46 -40.06 12.42
N LYS A 326 6.43 -39.92 11.10
CA LYS A 326 6.78 -41.07 10.26
C LYS A 326 8.27 -41.42 10.43
N ALA A 327 9.10 -40.40 10.55
CA ALA A 327 10.55 -40.58 10.66
C ALA A 327 11.00 -41.20 11.97
N THR A 328 10.27 -40.93 13.05
CA THR A 328 10.77 -41.29 14.36
C THR A 328 9.89 -42.29 15.08
N LYS A 329 8.61 -42.31 14.70
CA LYS A 329 7.55 -43.09 15.37
C LYS A 329 7.38 -42.63 16.81
N ASP A 330 7.99 -41.51 17.13
CA ASP A 330 7.73 -40.86 18.39
C ASP A 330 6.27 -40.40 18.38
N GLU A 331 5.46 -40.88 19.34
CA GLU A 331 4.03 -40.57 19.35
C GLU A 331 3.76 -39.13 19.79
N THR A 332 4.81 -38.48 20.28
CA THR A 332 4.74 -37.06 20.57
C THR A 332 4.31 -36.27 19.33
N TYR A 333 4.93 -36.57 18.20
CA TYR A 333 4.68 -35.80 16.99
C TYR A 333 3.27 -36.11 16.48
N TYR A 334 2.84 -37.37 16.59
CA TYR A 334 1.48 -37.70 16.20
C TYR A 334 0.51 -36.86 17.02
N LYS A 335 0.70 -36.85 18.34
CA LYS A 335 -0.17 -36.08 19.22
C LYS A 335 -0.19 -34.59 18.86
N GLN A 336 0.98 -34.07 18.46
CA GLN A 336 1.06 -32.66 18.13
C GLN A 336 0.39 -32.33 16.81
N TYR A 337 0.49 -33.27 15.87
CA TYR A 337 -0.24 -33.26 14.63
C TYR A 337 -1.75 -33.13 14.92
N LEU A 338 -2.24 -33.97 15.83
CA LEU A 338 -3.66 -33.91 16.23
C LEU A 338 -4.00 -32.58 16.89
N THR A 339 -3.10 -32.03 17.70
CA THR A 339 -3.39 -30.74 18.34
C THR A 339 -3.50 -29.63 17.29
N LEU A 340 -2.61 -29.64 16.32
CA LEU A 340 -2.61 -28.62 15.28
C LEU A 340 -3.85 -28.71 14.41
N TRP A 341 -4.22 -29.93 14.03
CA TRP A 341 -5.47 -30.12 13.31
C TRP A 341 -6.70 -29.72 14.15
N GLU A 342 -6.70 -30.04 15.44
CA GLU A 342 -7.84 -29.69 16.29
C GLU A 342 -8.02 -28.18 16.32
N PHE A 343 -6.94 -27.47 16.62
CA PHE A 343 -7.01 -26.01 16.63
C PHE A 343 -7.52 -25.50 15.28
N SER A 344 -6.99 -26.06 14.19
CA SER A 344 -7.36 -25.64 12.85
C SER A 344 -8.84 -25.85 12.50
N TRP A 345 -9.34 -27.03 12.84
CA TRP A 345 -10.70 -27.40 12.59
C TRP A 345 -11.65 -26.49 13.36
N ASN A 346 -11.26 -26.18 14.60
CA ASN A 346 -12.09 -25.36 15.48
C ASN A 346 -11.99 -23.85 15.24
N HIS A 347 -10.96 -23.37 14.52
CA HIS A 347 -10.80 -21.92 14.40
C HIS A 347 -10.32 -21.34 13.05
N MET A 348 -9.63 -22.13 12.22
CA MET A 348 -9.02 -21.61 11.01
C MET A 348 -9.85 -21.91 9.79
N ILE A 349 -10.60 -22.99 9.86
CA ILE A 349 -11.26 -23.50 8.67
C ILE A 349 -12.73 -23.09 8.55
N ASP A 350 -13.07 -22.37 7.49
CA ASP A 350 -14.46 -21.93 7.28
C ASP A 350 -15.28 -23.12 6.80
N HIS A 351 -16.13 -23.62 7.68
CA HIS A 351 -16.92 -24.82 7.44
C HIS A 351 -18.16 -24.56 6.62
N THR A 352 -18.52 -23.29 6.46
CA THR A 352 -19.61 -22.92 5.56
C THR A 352 -19.15 -22.85 4.11
N PHE A 353 -18.14 -22.02 3.85
CA PHE A 353 -17.77 -21.68 2.48
C PHE A 353 -16.52 -22.43 2.00
N GLY A 354 -15.77 -22.98 2.95
CA GLY A 354 -14.58 -23.75 2.61
C GLY A 354 -13.31 -22.91 2.70
N ALA A 355 -12.16 -23.60 2.69
CA ALA A 355 -10.83 -22.98 2.75
C ALA A 355 -10.57 -22.34 4.10
N TRP A 356 -9.32 -21.95 4.32
CA TRP A 356 -8.88 -21.48 5.63
C TRP A 356 -9.03 -19.98 5.84
N TYR A 357 -9.41 -19.58 7.04
CA TYR A 357 -9.28 -18.19 7.42
C TYR A 357 -7.80 -17.86 7.41
N ARG A 358 -7.46 -16.62 7.12
CA ARG A 358 -6.06 -16.27 6.99
C ARG A 358 -5.42 -16.02 8.36
N ILE A 359 -6.15 -15.36 9.24
CA ILE A 359 -5.53 -14.88 10.46
C ILE A 359 -6.52 -14.58 11.57
N LEU A 360 -6.22 -15.09 12.77
CA LEU A 360 -6.96 -14.75 14.00
C LEU A 360 -6.08 -14.00 14.96
N ASP A 361 -6.70 -13.29 15.92
CA ASP A 361 -5.94 -12.65 16.99
C ASP A 361 -5.62 -13.64 18.13
N GLU A 362 -4.95 -13.15 19.18
CA GLU A 362 -4.80 -13.86 20.47
C GLU A 362 -5.96 -14.76 20.85
N ASN A 363 -7.17 -14.22 20.70
CA ASN A 363 -8.37 -14.84 21.25
C ASN A 363 -9.12 -15.66 20.22
N ASN A 364 -8.46 -15.91 19.09
CA ASN A 364 -9.01 -16.70 18.01
C ASN A 364 -10.17 -15.99 17.30
N ALA A 365 -10.18 -14.66 17.37
CA ALA A 365 -11.17 -13.87 16.65
C ALA A 365 -10.62 -13.45 15.30
N GLN A 366 -11.44 -13.50 14.25
CA GLN A 366 -11.02 -12.99 12.95
C GLN A 366 -10.85 -11.48 13.02
N TYR A 367 -9.97 -10.95 12.20
CA TYR A 367 -9.78 -9.50 12.17
C TYR A 367 -10.78 -8.87 11.21
N ASP A 368 -11.08 -9.59 10.14
CA ASP A 368 -12.04 -9.17 9.13
C ASP A 368 -12.50 -10.34 8.26
N ASN A 369 -13.15 -10.03 7.15
CA ASN A 369 -13.71 -11.09 6.31
C ASN A 369 -12.96 -11.28 4.99
N ASN A 370 -11.67 -10.95 5.00
CA ASN A 370 -10.80 -11.23 3.87
C ASN A 370 -10.14 -12.61 3.93
N LYS A 371 -10.88 -13.64 3.50
CA LYS A 371 -10.38 -15.01 3.46
C LYS A 371 -9.02 -15.13 2.74
N SER A 372 -8.93 -14.63 1.51
CA SER A 372 -7.71 -14.76 0.72
C SER A 372 -7.35 -13.55 -0.13
N PRO A 373 -6.59 -12.60 0.44
CA PRO A 373 -6.04 -11.48 -0.35
C PRO A 373 -4.94 -12.01 -1.27
N ALA A 374 -4.35 -11.18 -2.11
CA ALA A 374 -3.28 -11.66 -3.00
C ALA A 374 -2.19 -12.30 -2.16
N GLY A 375 -1.68 -13.42 -2.65
CA GLY A 375 -0.68 -14.19 -1.92
C GLY A 375 -1.22 -15.50 -1.38
N LYS A 376 -2.47 -15.51 -0.96
CA LYS A 376 -3.05 -16.72 -0.42
C LYS A 376 -4.01 -17.40 -1.39
N THR A 377 -3.64 -18.60 -1.83
CA THR A 377 -4.51 -19.41 -2.66
C THR A 377 -4.84 -20.71 -1.95
N ASP A 378 -4.42 -20.78 -0.69
CA ASP A 378 -4.47 -21.99 0.12
C ASP A 378 -3.53 -23.04 -0.48
N TYR A 379 -2.47 -22.53 -1.09
CA TYR A 379 -1.36 -23.35 -1.50
C TYR A 379 -0.75 -24.05 -0.29
N HIS A 380 -0.62 -23.32 0.81
CA HIS A 380 0.01 -23.86 2.00
C HIS A 380 -0.80 -25.02 2.59
N THR A 381 -2.10 -24.84 2.77
CA THR A 381 -2.86 -25.87 3.45
C THR A 381 -3.13 -27.07 2.54
N MET A 382 -3.38 -26.84 1.25
CA MET A 382 -3.53 -27.99 0.40
C MET A 382 -2.22 -28.72 0.22
N GLY A 383 -1.13 -27.98 0.07
CA GLY A 383 0.18 -28.60 -0.02
C GLY A 383 0.49 -29.47 1.20
N ALA A 384 0.19 -28.96 2.40
CA ALA A 384 0.46 -29.73 3.62
C ALA A 384 -0.33 -31.03 3.61
N CYS A 385 -1.62 -30.92 3.24
CA CYS A 385 -2.44 -32.12 3.15
C CYS A 385 -1.86 -33.11 2.12
N TYR A 386 -1.45 -32.61 0.95
CA TYR A 386 -0.89 -33.43 -0.13
C TYR A 386 0.34 -34.22 0.32
N GLU A 387 1.21 -33.55 1.08
CA GLU A 387 2.41 -34.25 1.49
C GLU A 387 2.13 -35.25 2.59
N VAL A 388 1.16 -34.98 3.48
CA VAL A 388 0.81 -36.04 4.42
C VAL A 388 0.25 -37.21 3.61
N LEU A 389 -0.54 -36.90 2.57
CA LEU A 389 -1.19 -37.89 1.72
C LEU A 389 -0.19 -38.82 1.02
N LYS A 390 0.96 -38.28 0.61
CA LYS A 390 1.96 -39.14 -0.01
C LYS A 390 2.38 -40.27 0.94
N THR A 391 2.47 -39.96 2.23
CA THR A 391 2.89 -40.94 3.22
C THR A 391 1.82 -42.01 3.49
N LEU A 392 0.59 -41.77 3.04
CA LEU A 392 -0.48 -42.77 3.17
C LEU A 392 -0.67 -43.57 1.89
N SER B 2 4.39 -8.29 -0.75
CA SER B 2 2.97 -8.34 -1.06
C SER B 2 2.36 -7.01 -1.55
N TYR B 3 3.15 -5.95 -1.46
CA TYR B 3 2.69 -4.60 -1.76
C TYR B 3 3.51 -4.14 -2.92
N PRO B 4 3.01 -3.14 -3.67
CA PRO B 4 3.92 -2.52 -4.63
C PRO B 4 4.92 -1.67 -3.88
N ALA B 5 6.03 -1.30 -4.51
CA ALA B 5 7.02 -0.43 -3.90
C ALA B 5 6.46 0.99 -3.92
N PHE B 6 6.00 1.49 -2.78
CA PHE B 6 5.27 2.76 -2.78
C PHE B 6 6.18 3.92 -3.10
N ASP B 7 7.49 3.68 -2.99
CA ASP B 7 8.49 4.69 -3.28
C ASP B 7 9.02 4.53 -4.72
N SER B 8 8.29 3.76 -5.51
CA SER B 8 8.67 3.45 -6.88
C SER B 8 8.08 4.43 -7.89
N LYS B 9 8.87 4.79 -8.89
CA LYS B 9 8.40 5.59 -10.01
C LYS B 9 7.28 4.85 -10.74
N THR B 10 7.49 3.55 -10.98
CA THR B 10 6.49 2.75 -11.67
C THR B 10 5.19 2.76 -10.91
N PHE B 11 5.24 2.51 -9.60
CA PHE B 11 4.01 2.48 -8.85
C PHE B 11 3.32 3.84 -8.89
N LEU B 12 4.06 4.88 -8.50
CA LEU B 12 3.46 6.21 -8.40
C LEU B 12 2.84 6.67 -9.73
N GLU B 13 3.52 6.46 -10.84
CA GLU B 13 2.99 6.83 -12.14
C GLU B 13 1.76 6.01 -12.50
N ALA B 14 1.79 4.73 -12.17
CA ALA B 14 0.67 3.87 -12.47
C ALA B 14 -0.56 4.37 -11.72
N HIS B 15 -0.37 4.66 -10.44
CA HIS B 15 -1.41 5.13 -9.55
C HIS B 15 -2.00 6.47 -10.00
N ILE B 16 -1.11 7.41 -10.38
CA ILE B 16 -1.56 8.69 -10.90
C ILE B 16 -2.39 8.46 -12.15
N GLU B 17 -1.91 7.60 -13.03
CA GLU B 17 -2.61 7.35 -14.28
C GLU B 17 -3.98 6.74 -14.01
N LYS B 18 -4.08 5.94 -12.95
CA LYS B 18 -5.35 5.30 -12.66
C LYS B 18 -6.35 6.31 -12.07
N THR B 19 -5.83 7.26 -11.31
CA THR B 19 -6.68 8.30 -10.78
C THR B 19 -7.14 9.22 -11.94
N MET B 20 -6.22 9.52 -12.84
CA MET B 20 -6.55 10.32 -14.02
C MET B 20 -7.68 9.65 -14.79
N ALA B 21 -7.56 8.34 -14.97
CA ALA B 21 -8.50 7.59 -15.75
C ALA B 21 -9.85 7.56 -15.06
N PHE B 22 -9.87 7.65 -13.73
CA PHE B 22 -11.18 7.71 -13.08
C PHE B 22 -11.99 8.94 -13.51
N TYR B 23 -11.33 10.07 -13.73
CA TYR B 23 -12.03 11.32 -13.98
C TYR B 23 -12.18 11.57 -15.47
N PHE B 24 -11.20 11.11 -16.23
CA PHE B 24 -11.13 11.37 -17.65
C PHE B 24 -11.65 10.21 -18.52
N PRO B 25 -12.48 10.54 -19.52
CA PRO B 25 -12.89 11.88 -19.91
C PRO B 25 -14.24 12.33 -19.36
N THR B 26 -14.80 11.58 -18.42
CA THR B 26 -16.15 11.82 -17.92
C THR B 26 -16.39 13.20 -17.33
N CYS B 27 -15.38 13.73 -16.64
CA CYS B 27 -15.56 14.97 -15.90
C CYS B 27 -15.65 16.19 -16.80
N ILE B 28 -15.34 16.01 -18.08
CA ILE B 28 -15.38 17.12 -19.03
C ILE B 28 -16.81 17.46 -19.46
N ASP B 29 -17.26 18.66 -19.11
CA ASP B 29 -18.58 19.14 -19.53
C ASP B 29 -18.46 20.00 -20.78
N PRO B 30 -18.93 19.49 -21.93
CA PRO B 30 -18.77 20.18 -23.22
C PRO B 30 -19.41 21.56 -23.21
N GLU B 31 -20.45 21.70 -22.39
CA GLU B 31 -21.12 22.98 -22.18
C GLU B 31 -20.20 23.97 -21.45
N GLY B 32 -19.15 23.46 -20.81
CA GLY B 32 -18.24 24.30 -20.06
C GLY B 32 -17.85 23.77 -18.69
N GLY B 33 -16.56 23.84 -18.38
CA GLY B 33 -16.06 23.41 -17.09
C GLY B 33 -16.01 21.91 -16.84
N PHE B 34 -16.13 21.55 -15.56
CA PHE B 34 -16.09 20.15 -15.19
C PHE B 34 -17.27 19.77 -14.33
N PHE B 35 -17.74 18.53 -14.49
CA PHE B 35 -18.64 17.97 -13.50
C PHE B 35 -17.82 17.69 -12.25
N GLN B 36 -18.44 17.89 -11.10
CA GLN B 36 -17.70 17.97 -9.85
C GLN B 36 -18.26 17.10 -8.71
N PHE B 37 -19.12 16.15 -9.06
CA PHE B 37 -19.75 15.27 -8.08
C PHE B 37 -19.75 13.84 -8.61
N PHE B 38 -18.93 12.98 -8.02
CA PHE B 38 -18.74 11.63 -8.53
C PHE B 38 -19.04 10.56 -7.51
N LYS B 39 -19.66 9.49 -7.97
CA LYS B 39 -19.85 8.30 -7.15
C LYS B 39 -18.60 7.43 -7.22
N ASP B 40 -18.50 6.44 -6.32
CA ASP B 40 -17.40 5.48 -6.34
C ASP B 40 -17.18 4.93 -7.75
N ASP B 41 -18.29 4.62 -8.43
CA ASP B 41 -18.21 3.95 -9.74
C ASP B 41 -17.91 4.90 -10.87
N GLY B 42 -17.88 6.20 -10.58
CA GLY B 42 -17.57 7.20 -11.61
C GLY B 42 -18.73 8.05 -12.09
N SER B 43 -19.93 7.70 -11.68
CA SER B 43 -21.13 8.40 -12.10
C SER B 43 -21.21 9.83 -11.58
N VAL B 44 -21.59 10.77 -12.44
CA VAL B 44 -21.86 12.13 -11.97
C VAL B 44 -23.23 12.14 -11.28
N TYR B 45 -23.28 12.63 -10.04
CA TYR B 45 -24.55 12.63 -9.32
C TYR B 45 -25.06 14.06 -9.05
N ASP B 46 -24.31 15.04 -9.52
CA ASP B 46 -24.79 16.42 -9.57
C ASP B 46 -23.97 17.10 -10.64
N PRO B 47 -24.58 17.24 -11.83
CA PRO B 47 -23.87 17.76 -12.99
C PRO B 47 -23.98 19.28 -13.09
N ASN B 48 -24.77 19.88 -12.21
CA ASN B 48 -25.01 21.31 -12.29
C ASN B 48 -24.29 22.17 -11.27
N THR B 49 -24.24 21.74 -10.02
CA THR B 49 -23.56 22.51 -8.98
C THR B 49 -22.05 22.56 -9.26
N ARG B 50 -21.49 23.75 -9.16
CA ARG B 50 -20.07 23.94 -9.40
C ARG B 50 -19.50 24.76 -8.25
N HIS B 51 -18.27 24.42 -7.89
CA HIS B 51 -17.59 25.05 -6.77
C HIS B 51 -16.23 25.56 -7.26
N LEU B 52 -15.82 26.73 -6.76
CA LEU B 52 -14.57 27.36 -7.19
C LEU B 52 -13.35 26.47 -6.95
N VAL B 53 -13.39 25.75 -5.84
CA VAL B 53 -12.28 24.89 -5.47
C VAL B 53 -12.12 23.74 -6.46
N SER B 54 -13.21 23.15 -6.94
CA SER B 54 -13.05 22.10 -7.96
C SER B 54 -12.76 22.65 -9.34
N SER B 55 -13.29 23.82 -9.64
CA SER B 55 -13.03 24.45 -10.92
C SER B 55 -11.54 24.71 -11.07
N THR B 56 -10.90 25.13 -10.00
CA THR B 56 -9.45 25.33 -10.05
C THR B 56 -8.63 24.03 -9.90
N ARG B 57 -9.06 23.15 -9.01
CA ARG B 57 -8.28 21.95 -8.76
C ARG B 57 -8.25 21.04 -9.97
N PHE B 58 -9.33 21.02 -10.75
CA PHE B 58 -9.30 20.21 -11.98
C PHE B 58 -8.29 20.78 -13.00
N ILE B 59 -8.11 22.10 -12.96
CA ILE B 59 -7.12 22.74 -13.81
C ILE B 59 -5.74 22.27 -13.38
N PHE B 60 -5.48 22.28 -12.08
CA PHE B 60 -4.21 21.69 -11.59
C PHE B 60 -4.04 20.25 -12.07
N ASN B 61 -5.11 19.46 -11.96
CA ASN B 61 -5.09 18.07 -12.35
C ASN B 61 -4.57 17.92 -13.78
N PHE B 62 -5.29 18.52 -14.71
CA PHE B 62 -5.02 18.29 -16.13
C PHE B 62 -3.74 18.97 -16.56
N ALA B 63 -3.44 20.13 -15.98
CA ALA B 63 -2.20 20.82 -16.28
C ALA B 63 -0.99 19.97 -15.88
N GLN B 64 -0.96 19.52 -14.62
CA GLN B 64 0.12 18.67 -14.14
C GLN B 64 0.23 17.39 -14.97
N ALA B 65 -0.92 16.84 -15.33
CA ALA B 65 -0.93 15.62 -16.13
C ALA B 65 -0.32 15.86 -17.51
N TYR B 66 -0.56 17.04 -18.06
CA TYR B 66 0.06 17.37 -19.34
C TYR B 66 1.55 17.59 -19.18
N LEU B 67 1.96 18.24 -18.10
CA LEU B 67 3.38 18.51 -17.89
C LEU B 67 4.15 17.22 -17.66
N HIS B 68 3.50 16.19 -17.16
CA HIS B 68 4.23 14.97 -16.88
C HIS B 68 4.12 13.93 -17.99
N THR B 69 2.98 13.86 -18.66
CA THR B 69 2.82 12.85 -19.71
C THR B 69 2.97 13.44 -21.11
N ASN B 70 2.84 14.75 -21.19
CA ASN B 70 2.83 15.50 -22.45
C ASN B 70 1.70 15.03 -23.38
N ILE B 71 0.67 14.43 -22.80
CA ILE B 71 -0.53 14.06 -23.50
C ILE B 71 -1.40 15.30 -23.77
N ALA B 72 -1.71 15.51 -25.05
CA ALA B 72 -2.32 16.75 -25.54
C ALA B 72 -3.69 17.02 -24.95
N GLU B 73 -4.51 15.97 -24.84
CA GLU B 73 -5.87 16.12 -24.37
C GLU B 73 -5.93 16.59 -22.92
N TYR B 74 -4.83 16.43 -22.18
CA TYR B 74 -4.78 16.93 -20.81
C TYR B 74 -4.62 18.43 -20.86
N LYS B 75 -3.78 18.90 -21.77
CA LYS B 75 -3.64 20.34 -22.00
C LYS B 75 -4.95 20.94 -22.52
N HIS B 76 -5.65 20.18 -23.36
CA HIS B 76 -6.92 20.65 -23.90
C HIS B 76 -7.96 20.76 -22.79
N ALA B 77 -7.98 19.78 -21.88
CA ALA B 77 -8.93 19.82 -20.76
C ALA B 77 -8.57 20.94 -19.77
N ALA B 78 -7.28 21.16 -19.57
CA ALA B 78 -6.82 22.20 -18.67
C ALA B 78 -7.26 23.57 -19.18
N VAL B 79 -7.09 23.76 -20.49
CA VAL B 79 -7.49 25.02 -21.11
C VAL B 79 -9.00 25.20 -21.08
N HIS B 80 -9.75 24.15 -21.36
CA HIS B 80 -11.20 24.19 -21.18
C HIS B 80 -11.53 24.69 -19.76
N GLY B 81 -10.80 24.17 -18.78
CA GLY B 81 -10.97 24.60 -17.41
C GLY B 81 -10.69 26.09 -17.21
N ILE B 82 -9.61 26.58 -17.83
CA ILE B 82 -9.31 28.01 -17.74
C ILE B 82 -10.43 28.85 -18.31
N GLN B 83 -11.01 28.40 -19.42
CA GLN B 83 -12.13 29.11 -20.04
C GLN B 83 -13.30 29.19 -19.09
N TYR B 84 -13.66 28.07 -18.47
CA TYR B 84 -14.79 28.10 -17.56
C TYR B 84 -14.51 29.00 -16.38
N LEU B 85 -13.27 28.98 -15.92
CA LEU B 85 -12.88 29.76 -14.77
C LEU B 85 -13.06 31.24 -15.07
N ARG B 86 -12.54 31.67 -16.23
CA ARG B 86 -12.51 33.10 -16.54
C ARG B 86 -13.81 33.62 -17.11
N GLN B 87 -14.62 32.77 -17.73
CA GLN B 87 -15.87 33.24 -18.36
C GLN B 87 -17.09 33.06 -17.44
N ARG B 88 -17.07 32.07 -16.55
CA ARG B 88 -18.24 31.80 -15.71
C ARG B 88 -18.03 32.21 -14.24
N HIS B 89 -16.85 31.94 -13.69
CA HIS B 89 -16.59 32.22 -12.27
C HIS B 89 -16.25 33.67 -11.97
N GLN B 90 -15.49 34.31 -12.87
CA GLN B 90 -14.99 35.65 -12.64
C GLN B 90 -16.06 36.70 -12.86
N SER B 91 -16.56 37.29 -11.77
CA SER B 91 -17.52 38.38 -11.85
C SER B 91 -16.76 39.68 -12.12
N GLN B 92 -17.48 40.76 -12.40
CA GLN B 92 -16.81 41.96 -12.89
C GLN B 92 -16.08 42.72 -11.78
N SER B 93 -16.33 42.37 -10.52
CA SER B 93 -15.60 43.00 -9.41
C SER B 93 -14.19 42.42 -9.31
N GLY B 94 -13.85 41.52 -10.22
CA GLY B 94 -12.58 40.83 -10.15
C GLY B 94 -12.63 39.58 -9.28
N GLY B 95 -13.71 39.45 -8.49
CA GLY B 95 -13.83 38.30 -7.60
C GLY B 95 -14.37 37.10 -8.35
N TYR B 96 -14.37 35.94 -7.70
CA TYR B 96 -14.83 34.71 -8.35
C TYR B 96 -15.98 34.09 -7.57
N VAL B 97 -17.00 33.62 -8.28
CA VAL B 97 -18.14 32.97 -7.66
C VAL B 97 -17.74 31.71 -6.89
N TRP B 98 -18.11 31.65 -5.62
CA TRP B 98 -17.70 30.55 -4.78
C TRP B 98 -18.48 29.31 -5.13
N LEU B 99 -19.79 29.50 -5.28
CA LEU B 99 -20.70 28.39 -5.57
C LEU B 99 -21.78 28.81 -6.55
N LEU B 100 -22.11 27.91 -7.47
CA LEU B 100 -23.10 28.22 -8.49
C LEU B 100 -23.85 26.96 -8.91
N ASP B 101 -25.07 27.14 -9.40
CA ASP B 101 -25.84 26.04 -9.98
C ASP B 101 -26.31 26.48 -11.36
N GLY B 102 -25.76 25.88 -12.41
CA GLY B 102 -26.10 26.29 -13.75
C GLY B 102 -25.82 27.77 -13.96
N GLY B 103 -26.87 28.49 -14.33
CA GLY B 103 -26.77 29.92 -14.60
C GLY B 103 -27.00 30.77 -13.36
N THR B 104 -27.23 30.12 -12.23
CA THR B 104 -27.41 30.84 -10.97
C THR B 104 -26.17 30.84 -10.07
N ASN B 105 -25.85 32.00 -9.49
CA ASN B 105 -24.84 32.05 -8.44
C ASN B 105 -25.50 31.76 -7.10
N LEU B 106 -24.97 30.80 -6.36
CA LEU B 106 -25.56 30.43 -5.08
C LEU B 106 -24.83 31.12 -3.94
N ASP B 107 -23.51 31.19 -4.06
CA ASP B 107 -22.63 31.83 -3.06
C ASP B 107 -21.57 32.68 -3.76
N GLU B 108 -21.60 33.99 -3.48
CA GLU B 108 -20.71 34.94 -4.15
C GLU B 108 -19.68 35.54 -3.20
N THR B 109 -19.59 35.00 -1.99
CA THR B 109 -18.63 35.46 -1.01
C THR B 109 -17.22 35.32 -1.56
N ASN B 110 -16.40 36.32 -1.31
CA ASN B 110 -15.02 36.28 -1.79
C ASN B 110 -14.21 35.60 -0.71
N HIS B 111 -13.75 34.39 -1.01
CA HIS B 111 -12.90 33.65 -0.09
C HIS B 111 -11.44 33.75 -0.50
N CYS B 112 -10.57 34.04 0.45
CA CYS B 112 -9.15 34.14 0.19
C CYS B 112 -8.62 32.81 -0.31
N TYR B 113 -9.14 31.76 0.28
CA TYR B 113 -8.85 30.38 -0.10
C TYR B 113 -9.06 30.18 -1.62
N GLY B 114 -10.21 30.66 -2.09
CA GLY B 114 -10.53 30.65 -3.49
C GLY B 114 -9.52 31.40 -4.30
N LEU B 115 -9.20 32.63 -3.92
CA LEU B 115 -8.20 33.40 -4.68
C LEU B 115 -6.85 32.72 -4.77
N ALA B 116 -6.43 32.10 -3.66
CA ALA B 116 -5.18 31.34 -3.63
C ALA B 116 -5.20 30.27 -4.69
N PHE B 117 -6.31 29.53 -4.74
CA PHE B 117 -6.39 28.43 -5.69
C PHE B 117 -6.55 28.92 -7.13
N VAL B 118 -7.12 30.11 -7.30
CA VAL B 118 -7.23 30.70 -8.62
C VAL B 118 -5.81 31.00 -9.09
N ILE B 119 -5.00 31.56 -8.19
CA ILE B 119 -3.59 31.80 -8.48
C ILE B 119 -2.85 30.50 -8.81
N LEU B 120 -3.16 29.45 -8.07
CA LEU B 120 -2.56 28.15 -8.36
C LEU B 120 -2.88 27.73 -9.80
N ALA B 121 -4.15 27.87 -10.17
CA ALA B 121 -4.61 27.52 -11.51
C ALA B 121 -3.92 28.34 -12.61
N TYR B 122 -3.75 29.64 -12.38
CA TYR B 122 -3.06 30.49 -13.35
C TYR B 122 -1.59 30.14 -13.48
N SER B 123 -0.96 29.79 -12.36
CA SER B 123 0.42 29.31 -12.40
C SER B 123 0.48 28.11 -13.31
N ASN B 124 -0.41 27.16 -13.09
CA ASN B 124 -0.39 25.96 -13.90
C ASN B 124 -0.68 26.22 -15.38
N ALA B 125 -1.63 27.12 -15.64
CA ALA B 125 -1.93 27.57 -16.99
C ALA B 125 -0.69 28.11 -17.66
N LEU B 126 -0.02 29.05 -16.98
CA LEU B 126 1.20 29.67 -17.48
C LEU B 126 2.21 28.61 -17.85
N GLN B 127 2.37 27.67 -16.92
CA GLN B 127 3.32 26.57 -17.05
C GLN B 127 3.01 25.64 -18.20
N ILE B 128 1.75 25.48 -18.59
CA ILE B 128 1.49 24.62 -19.75
C ILE B 128 1.46 25.41 -21.04
N GLY B 129 1.89 26.66 -20.99
CA GLY B 129 2.14 27.45 -22.19
C GLY B 129 1.17 28.58 -22.52
N LEU B 130 0.28 28.92 -21.61
CA LEU B 130 -0.55 30.11 -21.80
C LEU B 130 0.20 31.34 -21.31
N SER B 131 0.87 32.01 -22.24
CA SER B 131 1.71 33.16 -21.93
C SER B 131 0.99 34.23 -21.10
N GLU B 132 -0.28 34.40 -21.41
CA GLU B 132 -1.11 35.44 -20.81
C GLU B 132 -1.30 35.25 -19.31
N ALA B 133 -1.16 34.01 -18.82
CA ALA B 133 -1.46 33.71 -17.42
C ALA B 133 -0.61 34.52 -16.44
N GLU B 134 0.64 34.83 -16.81
CA GLU B 134 1.51 35.67 -15.97
C GLU B 134 0.85 37.01 -15.64
N VAL B 135 0.10 37.55 -16.59
CA VAL B 135 -0.63 38.78 -16.37
C VAL B 135 -1.77 38.54 -15.39
N TRP B 136 -2.50 37.43 -15.59
CA TRP B 136 -3.62 37.09 -14.73
C TRP B 136 -3.17 36.98 -13.27
N ILE B 137 -2.03 36.31 -13.07
CA ILE B 137 -1.43 36.15 -11.76
C ILE B 137 -1.19 37.51 -11.13
N GLU B 138 -0.70 38.47 -11.94
CA GLU B 138 -0.44 39.80 -11.40
C GLU B 138 -1.76 40.46 -10.97
N VAL B 139 -2.84 40.27 -11.74
CA VAL B 139 -4.12 40.94 -11.42
C VAL B 139 -4.67 40.40 -10.09
N THR B 140 -4.69 39.08 -9.98
CA THR B 140 -5.29 38.41 -8.83
C THR B 140 -4.49 38.75 -7.58
N TYR B 141 -3.17 38.78 -7.71
CA TYR B 141 -2.30 39.14 -6.59
C TYR B 141 -2.70 40.54 -6.11
N ASP B 142 -2.97 41.46 -7.04
CA ASP B 142 -3.27 42.80 -6.55
C ASP B 142 -4.68 42.83 -5.99
N LEU B 143 -5.55 41.97 -6.52
CA LEU B 143 -6.90 41.88 -5.98
C LEU B 143 -6.75 41.50 -4.52
N LEU B 144 -5.76 40.65 -4.25
CA LEU B 144 -5.55 40.12 -2.92
C LEU B 144 -4.86 41.17 -2.08
N GLU B 145 -3.94 41.90 -2.70
CA GLU B 145 -3.20 42.94 -2.00
C GLU B 145 -4.13 44.00 -1.47
N THR B 146 -5.07 44.40 -2.31
CA THR B 146 -6.00 45.47 -2.02
C THR B 146 -7.00 45.15 -0.92
N HIS B 147 -7.49 43.92 -0.93
CA HIS B 147 -8.64 43.62 -0.10
C HIS B 147 -8.36 42.66 1.05
N PHE B 148 -7.36 41.81 0.88
CA PHE B 148 -7.15 40.72 1.83
C PHE B 148 -5.87 40.87 2.63
N TRP B 149 -4.86 41.50 2.04
CA TRP B 149 -3.56 41.59 2.71
C TRP B 149 -3.60 42.43 3.97
N GLU B 150 -3.10 41.87 5.06
CA GLU B 150 -3.10 42.56 6.35
C GLU B 150 -1.66 42.78 6.78
N ASN B 151 -1.08 43.84 6.20
CA ASN B 151 0.34 44.14 6.31
C ASN B 151 0.90 44.18 7.74
N LYS B 152 0.10 44.63 8.70
CA LYS B 152 0.64 44.79 10.04
C LYS B 152 0.71 43.43 10.74
N HIS B 153 0.07 42.42 10.16
CA HIS B 153 0.11 41.07 10.71
C HIS B 153 0.88 40.15 9.78
N GLY B 154 1.07 40.60 8.55
CA GLY B 154 1.80 39.81 7.59
C GLY B 154 0.98 38.61 7.17
N LEU B 155 -0.34 38.75 7.25
CA LEU B 155 -1.22 37.66 6.86
C LEU B 155 -2.36 38.14 5.97
N TYR B 156 -3.13 37.20 5.44
CA TYR B 156 -4.34 37.52 4.70
C TYR B 156 -5.60 37.19 5.51
N LEU B 157 -6.60 38.08 5.50
CA LEU B 157 -7.91 37.74 6.10
C LEU B 157 -8.66 36.73 5.22
N ASP B 158 -9.81 36.26 5.71
CA ASP B 158 -10.48 35.09 5.12
C ASP B 158 -11.58 35.42 4.10
N GLU B 159 -12.53 36.28 4.45
CA GLU B 159 -13.67 36.59 3.56
C GLU B 159 -14.08 38.05 3.52
N ILE B 160 -14.38 38.51 2.33
CA ILE B 160 -15.09 39.75 2.16
C ILE B 160 -16.34 39.44 1.32
N SER B 161 -17.39 40.20 1.55
CA SER B 161 -18.66 39.99 0.87
C SER B 161 -18.59 40.37 -0.61
N SER B 162 -19.69 40.10 -1.33
CA SER B 162 -19.74 40.34 -2.77
C SER B 162 -19.60 41.83 -3.09
N ASP B 163 -20.14 42.67 -2.22
CA ASP B 163 -20.05 44.12 -2.34
C ASP B 163 -18.63 44.68 -2.19
N TRP B 164 -17.77 43.89 -1.54
CA TRP B 164 -16.41 44.25 -1.09
C TRP B 164 -16.42 45.14 0.16
N LYS B 165 -17.53 45.16 0.89
CA LYS B 165 -17.70 46.15 1.93
C LYS B 165 -17.66 45.59 3.34
N THR B 166 -18.19 44.40 3.53
CA THR B 166 -18.21 43.79 4.85
C THR B 166 -17.21 42.66 5.03
N VAL B 167 -16.18 42.93 5.84
CA VAL B 167 -15.12 41.97 6.09
C VAL B 167 -15.46 41.07 7.26
N SER B 168 -15.20 39.78 7.12
CA SER B 168 -15.44 38.86 8.23
C SER B 168 -14.43 39.07 9.36
N PRO B 169 -14.91 39.02 10.61
CA PRO B 169 -14.06 39.12 11.79
C PRO B 169 -13.13 37.90 11.89
N TYR B 170 -13.43 36.87 11.11
CA TYR B 170 -12.71 35.60 11.17
C TYR B 170 -11.31 35.69 10.55
N ARG B 171 -10.35 35.07 11.24
CA ARG B 171 -9.03 34.84 10.67
C ARG B 171 -8.73 33.36 10.75
N GLY B 172 -8.12 32.83 9.69
CA GLY B 172 -7.85 31.41 9.60
C GLY B 172 -6.50 31.12 8.98
N GLN B 173 -5.92 30.01 9.39
CA GLN B 173 -4.65 29.56 8.85
C GLN B 173 -4.76 29.08 7.42
N ASN B 174 -5.87 28.44 7.09
CA ASN B 174 -6.04 27.75 5.81
C ASN B 174 -5.72 28.56 4.55
N ALA B 175 -6.31 29.75 4.46
CA ALA B 175 -6.11 30.61 3.30
C ALA B 175 -4.64 30.98 3.19
N ASN B 176 -3.97 31.26 4.31
CA ASN B 176 -2.55 31.58 4.27
C ASN B 176 -1.67 30.38 3.89
N MET B 177 -2.07 29.20 4.34
CA MET B 177 -1.34 28.00 3.96
C MET B 177 -1.38 27.83 2.43
N HIS B 178 -2.59 27.78 1.90
CA HIS B 178 -2.73 27.57 0.47
C HIS B 178 -2.21 28.74 -0.32
N MET B 179 -2.28 29.93 0.25
CA MET B 179 -1.69 31.09 -0.41
C MET B 179 -0.19 30.88 -0.54
N CYS B 180 0.44 30.36 0.51
CA CYS B 180 1.87 30.07 0.45
C CYS B 180 2.17 29.04 -0.65
N GLU B 181 1.35 28.00 -0.73
CA GLU B 181 1.51 26.96 -1.76
C GLU B 181 1.39 27.55 -3.17
N ALA B 182 0.37 28.39 -3.33
CA ALA B 182 0.06 29.02 -4.60
C ALA B 182 1.16 29.98 -5.01
N LEU B 183 1.67 30.74 -4.06
CA LEU B 183 2.71 31.70 -4.36
C LEU B 183 4.00 31.00 -4.72
N MET B 184 4.30 29.86 -4.08
CA MET B 184 5.41 29.04 -4.60
C MET B 184 5.19 28.52 -6.00
N SER B 185 3.95 28.14 -6.31
CA SER B 185 3.64 27.66 -7.63
C SER B 185 3.88 28.77 -8.66
N ALA B 186 3.47 29.99 -8.31
CA ALA B 186 3.61 31.13 -9.20
C ALA B 186 5.08 31.50 -9.33
N PHE B 187 5.80 31.52 -8.22
CA PHE B 187 7.23 31.79 -8.28
C PHE B 187 7.93 30.79 -9.19
N ASP B 188 7.57 29.52 -9.09
CA ASP B 188 8.18 28.52 -9.94
C ASP B 188 7.83 28.83 -11.40
N ALA B 189 6.60 29.27 -11.63
CA ALA B 189 6.15 29.51 -13.00
C ALA B 189 6.72 30.79 -13.64
N THR B 190 7.01 31.81 -12.83
CA THR B 190 7.35 33.16 -13.29
C THR B 190 8.73 33.69 -12.89
N GLN B 191 9.31 33.07 -11.87
CA GLN B 191 10.61 33.47 -11.32
C GLN B 191 10.61 34.87 -10.66
N ASN B 192 9.46 35.54 -10.66
CA ASN B 192 9.28 36.81 -9.96
C ASN B 192 9.47 36.62 -8.46
N PRO B 193 10.58 37.14 -7.92
CA PRO B 193 10.94 36.95 -6.51
C PRO B 193 9.94 37.53 -5.50
N LYS B 194 8.98 38.33 -5.98
CA LYS B 194 7.92 38.85 -5.11
C LYS B 194 7.12 37.74 -4.44
N TYR B 195 6.68 36.80 -5.28
CA TYR B 195 5.81 35.71 -4.88
C TYR B 195 6.53 34.80 -3.90
N LEU B 196 7.80 34.49 -4.21
CA LEU B 196 8.59 33.67 -3.31
C LEU B 196 8.77 34.37 -1.96
N ASP B 197 8.98 35.69 -2.00
CA ASP B 197 9.24 36.41 -0.75
C ASP B 197 7.99 36.42 0.12
N ARG B 198 6.84 36.59 -0.52
CA ARG B 198 5.60 36.60 0.23
C ARG B 198 5.30 35.22 0.80
N ALA B 199 5.55 34.19 -0.01
CA ALA B 199 5.30 32.81 0.42
C ALA B 199 6.09 32.54 1.69
N LYS B 200 7.34 33.01 1.73
CA LYS B 200 8.14 32.88 2.95
C LYS B 200 7.66 33.69 4.12
N LEU B 201 7.10 34.85 3.83
CA LEU B 201 6.57 35.73 4.87
C LEU B 201 5.39 35.05 5.56
N LEU B 202 4.55 34.42 4.74
CA LEU B 202 3.41 33.65 5.25
C LEU B 202 3.93 32.49 6.08
N ALA B 203 4.92 31.79 5.53
CA ALA B 203 5.52 30.65 6.20
C ALA B 203 5.97 31.02 7.60
N LYS B 204 6.72 32.12 7.71
CA LYS B 204 7.20 32.55 9.02
C LYS B 204 6.03 32.89 9.94
N ASN B 205 5.15 33.76 9.45
CA ASN B 205 4.08 34.30 10.29
C ASN B 205 3.14 33.23 10.78
N ILE B 206 3.00 32.14 10.04
CA ILE B 206 2.09 31.10 10.49
C ILE B 206 2.84 30.06 11.29
N CYS B 207 3.90 29.50 10.71
CA CYS B 207 4.64 28.43 11.38
C CYS B 207 5.58 28.92 12.48
N GLN B 208 5.92 30.20 12.51
CA GLN B 208 6.66 30.69 13.67
C GLN B 208 5.75 31.48 14.62
N LYS B 209 5.26 32.64 14.19
CA LYS B 209 4.49 33.51 15.06
C LYS B 209 3.17 32.89 15.57
N GLN B 210 2.26 32.58 14.65
CA GLN B 210 0.94 32.05 15.03
C GLN B 210 1.03 30.70 15.72
N ALA B 211 2.00 29.89 15.31
CA ALA B 211 2.20 28.59 15.96
C ALA B 211 2.62 28.79 17.43
N SER B 212 3.45 29.81 17.69
CA SER B 212 3.93 30.09 19.05
C SER B 212 2.79 30.34 20.01
N LEU B 213 1.62 30.71 19.48
CA LEU B 213 0.47 30.99 20.32
C LEU B 213 -0.11 29.72 20.91
N SER B 214 0.29 28.57 20.40
CA SER B 214 -0.17 27.33 21.00
C SER B 214 0.93 26.74 21.91
N ASN B 215 0.49 26.09 22.98
CA ASN B 215 1.39 25.36 23.87
C ASN B 215 2.38 24.51 23.10
N SER B 216 1.83 23.65 22.24
CA SER B 216 2.62 22.64 21.53
C SER B 216 3.33 23.25 20.34
N ASN B 217 3.03 24.50 20.03
CA ASN B 217 3.58 25.18 18.84
C ASN B 217 3.20 24.50 17.52
N GLU B 218 2.03 23.89 17.51
CA GLU B 218 1.46 23.36 16.30
C GLU B 218 0.57 24.46 15.76
N VAL B 219 0.26 24.41 14.47
CA VAL B 219 -0.62 25.40 13.88
C VAL B 219 -2.08 25.19 14.23
N TRP B 220 -2.69 26.17 14.87
CA TRP B 220 -4.11 26.12 15.18
C TRP B 220 -4.91 26.77 14.06
N GLU B 221 -6.16 26.35 13.87
CA GLU B 221 -6.94 26.79 12.72
C GLU B 221 -7.58 28.17 12.87
N HIS B 222 -8.18 28.43 14.03
CA HIS B 222 -9.11 29.56 14.14
C HIS B 222 -8.58 30.72 14.99
N TYR B 223 -8.67 31.91 14.42
CA TYR B 223 -8.15 33.12 15.05
C TYR B 223 -9.12 34.28 15.03
N THR B 224 -9.03 35.11 16.07
CA THR B 224 -9.77 36.36 16.18
C THR B 224 -9.18 37.36 15.20
N ASN B 225 -9.86 38.48 14.98
CA ASN B 225 -9.36 39.45 14.01
C ASN B 225 -8.06 40.19 14.36
N ASP B 226 -7.63 40.13 15.62
CA ASP B 226 -6.29 40.64 15.95
C ASP B 226 -5.26 39.52 15.78
N TRP B 227 -5.73 38.38 15.29
CA TRP B 227 -4.92 37.18 15.07
C TRP B 227 -4.45 36.53 16.35
N GLN B 228 -5.25 36.65 17.41
CA GLN B 228 -5.06 35.82 18.60
C GLN B 228 -5.84 34.52 18.45
N ILE B 229 -5.45 33.50 19.19
CA ILE B 229 -6.07 32.20 19.06
C ILE B 229 -7.47 32.18 19.64
N ASP B 230 -8.44 31.73 18.82
CA ASP B 230 -9.76 31.39 19.30
C ASP B 230 -9.80 29.92 19.69
N TRP B 231 -9.78 29.64 20.99
CA TRP B 231 -9.95 28.28 21.49
C TRP B 231 -11.38 27.78 21.42
N ASP B 232 -12.34 28.70 21.51
CA ASP B 232 -13.75 28.32 21.65
C ASP B 232 -14.43 28.04 20.31
N TYR B 233 -13.79 28.44 19.21
CA TYR B 233 -14.43 28.37 17.91
C TYR B 233 -14.94 26.95 17.60
N ASN B 234 -16.27 26.82 17.55
CA ASN B 234 -16.98 25.56 17.36
C ASN B 234 -16.63 24.50 18.37
N LYS B 235 -16.22 24.90 19.57
CA LYS B 235 -15.78 23.93 20.56
C LYS B 235 -16.96 23.03 20.91
N ASN B 236 -18.15 23.60 20.90
CA ASN B 236 -19.34 22.89 21.31
C ASN B 236 -19.93 22.03 20.20
N ASP B 237 -19.59 22.37 18.97
CA ASP B 237 -19.98 21.57 17.82
C ASP B 237 -18.69 21.03 17.21
N PRO B 238 -18.14 19.98 17.82
CA PRO B 238 -16.77 19.56 17.51
C PRO B 238 -16.59 19.30 16.01
N LYS B 239 -17.46 18.48 15.41
CA LYS B 239 -17.29 18.06 14.02
C LYS B 239 -18.08 18.90 13.03
N HIS B 240 -18.08 20.21 13.24
CA HIS B 240 -18.52 21.18 12.22
C HIS B 240 -17.97 20.84 10.83
N LEU B 241 -18.67 21.27 9.79
CA LEU B 241 -18.34 20.83 8.44
C LEU B 241 -17.33 21.73 7.73
N PHE B 242 -17.39 23.03 8.02
CA PHE B 242 -16.48 23.97 7.38
C PHE B 242 -15.27 24.29 8.25
N ARG B 243 -15.52 24.59 9.53
CA ARG B 243 -14.46 25.06 10.40
C ARG B 243 -14.40 24.29 11.71
N PRO B 244 -14.01 23.02 11.64
CA PRO B 244 -14.05 22.13 12.80
C PRO B 244 -13.12 22.62 13.88
N TRP B 245 -13.36 22.11 15.07
CA TRP B 245 -12.58 22.48 16.22
C TRP B 245 -11.48 21.46 16.41
N GLY B 246 -10.29 21.96 16.69
CA GLY B 246 -9.15 21.13 17.01
C GLY B 246 -7.95 21.31 16.12
N PHE B 247 -6.86 20.65 16.47
CA PHE B 247 -5.69 20.69 15.61
C PHE B 247 -5.90 19.69 14.51
N GLN B 248 -5.50 20.05 13.29
CA GLN B 248 -5.58 19.11 12.20
C GLN B 248 -4.19 18.63 11.81
N PRO B 249 -3.91 17.35 12.11
CA PRO B 249 -2.64 16.70 11.78
C PRO B 249 -2.25 16.96 10.32
N GLY B 250 -3.26 16.94 9.44
CA GLY B 250 -3.06 17.16 8.03
C GLY B 250 -2.49 18.52 7.67
N HIS B 251 -2.83 19.53 8.46
CA HIS B 251 -2.30 20.86 8.20
C HIS B 251 -0.90 21.00 8.81
N GLN B 252 -0.62 20.20 9.84
CA GLN B 252 0.73 20.15 10.38
C GLN B 252 1.66 19.53 9.31
N THR B 253 1.27 18.39 8.75
CA THR B 253 2.18 17.74 7.81
C THR B 253 2.21 18.51 6.48
N GLU B 254 1.10 19.16 6.12
CA GLU B 254 1.08 19.96 4.90
C GLU B 254 2.07 21.11 5.07
N TRP B 255 2.05 21.72 6.25
CA TRP B 255 3.03 22.76 6.53
C TRP B 255 4.46 22.23 6.51
N ALA B 256 4.69 21.06 7.09
CA ALA B 256 6.00 20.41 6.97
C ALA B 256 6.48 20.39 5.52
N LYS B 257 5.57 19.96 4.63
CA LYS B 257 5.86 19.89 3.20
C LYS B 257 6.23 21.24 2.64
N LEU B 258 5.41 22.24 2.91
CA LEU B 258 5.67 23.60 2.40
C LEU B 258 7.02 24.13 2.94
N LEU B 259 7.30 23.88 4.21
CA LEU B 259 8.59 24.28 4.77
C LEU B 259 9.75 23.66 4.02
N LEU B 260 9.64 22.38 3.65
CA LEU B 260 10.77 21.76 2.96
C LEU B 260 10.90 22.26 1.51
N MET B 261 9.75 22.45 0.89
CA MET B 261 9.71 22.97 -0.45
C MET B 261 10.30 24.38 -0.50
N LEU B 262 10.01 25.18 0.52
CA LEU B 262 10.58 26.51 0.58
C LEU B 262 12.07 26.41 0.87
N ASP B 263 12.45 25.39 1.64
CA ASP B 263 13.83 25.22 2.04
C ASP B 263 14.69 24.91 0.84
N LYS B 264 14.08 24.33 -0.19
CA LYS B 264 14.91 24.00 -1.34
C LYS B 264 14.96 25.12 -2.38
N ARG B 265 14.02 26.06 -2.30
CA ARG B 265 14.07 27.21 -3.20
C ARG B 265 14.90 28.30 -2.57
N SER B 266 14.62 28.62 -1.32
CA SER B 266 15.40 29.66 -0.65
C SER B 266 15.56 29.41 0.90
N PRO B 267 16.59 28.62 1.27
CA PRO B 267 16.78 28.03 2.62
C PRO B 267 16.75 28.99 3.82
N GLU B 268 16.44 28.42 4.98
CA GLU B 268 16.29 29.15 6.24
C GLU B 268 16.53 28.14 7.34
N ASN B 269 17.33 28.49 8.33
CA ASN B 269 17.82 27.43 9.20
C ASN B 269 16.74 26.82 10.11
N TRP B 270 15.57 27.46 10.21
CA TRP B 270 14.51 26.87 11.04
C TRP B 270 13.55 25.96 10.26
N TYR B 271 13.61 26.00 8.91
CA TYR B 271 12.67 25.26 8.06
C TYR B 271 12.64 23.77 8.37
N LEU B 272 13.77 23.11 8.22
CA LEU B 272 13.81 21.67 8.47
C LEU B 272 13.50 21.27 9.92
N PRO B 273 14.07 21.98 10.94
CA PRO B 273 13.73 21.58 12.32
C PRO B 273 12.25 21.72 12.63
N LYS B 274 11.63 22.78 12.10
CA LYS B 274 10.20 22.98 12.31
C LYS B 274 9.40 21.91 11.55
N ALA B 275 9.77 21.64 10.30
CA ALA B 275 9.12 20.59 9.52
C ALA B 275 9.10 19.29 10.28
N LYS B 276 10.27 18.94 10.80
CA LYS B 276 10.49 17.71 11.52
C LYS B 276 9.62 17.68 12.76
N TYR B 277 9.56 18.82 13.42
CA TYR B 277 8.83 18.91 14.66
C TYR B 277 7.31 18.75 14.45
N LEU B 278 6.79 19.51 13.49
CA LEU B 278 5.37 19.43 13.12
C LEU B 278 5.01 18.01 12.75
N PHE B 279 5.76 17.40 11.84
CA PHE B 279 5.41 16.04 11.42
C PHE B 279 5.51 15.06 12.57
N ASP B 280 6.57 15.11 13.37
CA ASP B 280 6.71 14.16 14.47
C ASP B 280 5.56 14.24 15.45
N LEU B 281 5.25 15.46 15.89
CA LEU B 281 4.14 15.60 16.83
C LEU B 281 2.85 15.11 16.22
N ALA B 282 2.52 15.64 15.03
CA ALA B 282 1.24 15.36 14.37
C ALA B 282 1.05 13.87 14.17
N TYR B 283 2.06 13.25 13.59
CA TYR B 283 1.97 11.82 13.34
C TYR B 283 1.78 11.08 14.68
N LYS B 284 2.58 11.40 15.72
CA LYS B 284 2.47 10.64 16.97
C LYS B 284 1.08 10.81 17.60
N LYS B 285 0.53 12.01 17.52
CA LYS B 285 -0.80 12.25 18.05
C LYS B 285 -1.96 11.63 17.24
N ALA B 286 -1.82 11.51 15.92
CA ALA B 286 -3.00 11.18 15.10
C ALA B 286 -3.00 9.78 14.46
N TRP B 287 -1.91 9.05 14.58
CA TRP B 287 -1.84 7.72 13.96
C TRP B 287 -2.60 6.69 14.78
N ASP B 288 -3.49 5.98 14.11
CA ASP B 288 -4.34 4.95 14.72
C ASP B 288 -3.56 3.66 14.86
N THR B 289 -3.10 3.38 16.06
CA THR B 289 -2.25 2.21 16.31
C THR B 289 -3.00 0.89 16.20
N LYS B 290 -4.33 0.93 16.22
CA LYS B 290 -5.08 -0.30 16.07
C LYS B 290 -5.55 -0.50 14.64
N LYS B 291 -6.06 0.55 13.99
CA LYS B 291 -6.63 0.38 12.65
C LYS B 291 -5.77 0.94 11.50
N GLY B 292 -4.77 1.77 11.83
CA GLY B 292 -3.92 2.38 10.81
C GLY B 292 -4.47 3.73 10.35
N GLY B 293 -3.62 4.54 9.71
CA GLY B 293 -4.05 5.80 9.13
C GLY B 293 -4.13 6.94 10.12
N LEU B 294 -4.14 8.18 9.63
CA LEU B 294 -4.28 9.32 10.53
C LEU B 294 -5.71 9.85 10.70
N HIS B 295 -6.07 9.97 11.97
CA HIS B 295 -7.28 10.62 12.44
C HIS B 295 -7.31 12.07 11.99
N TYR B 296 -8.52 12.63 11.96
CA TYR B 296 -8.73 13.92 11.31
C TYR B 296 -8.31 15.09 12.17
N GLY B 297 -8.43 14.94 13.48
CA GLY B 297 -8.14 16.04 14.39
C GLY B 297 -8.01 15.66 15.86
N TYR B 298 -7.13 16.37 16.57
CA TYR B 298 -6.99 16.14 18.00
C TYR B 298 -7.07 17.46 18.78
N ALA B 299 -7.33 17.32 20.09
CA ALA B 299 -7.46 18.43 21.02
C ALA B 299 -6.11 18.96 21.41
N PRO B 300 -6.06 20.18 21.97
CA PRO B 300 -4.81 20.68 22.55
C PRO B 300 -4.25 19.69 23.58
N ASP B 301 -5.19 19.00 24.23
CA ASP B 301 -4.95 17.81 25.02
C ASP B 301 -3.97 16.84 24.34
N GLY B 302 -4.09 16.73 23.02
CA GLY B 302 -3.37 15.72 22.26
C GLY B 302 -4.32 14.56 22.03
N THR B 303 -5.46 14.59 22.74
CA THR B 303 -6.56 13.65 22.54
C THR B 303 -7.20 13.76 21.15
N VAL B 304 -7.39 12.63 20.49
CA VAL B 304 -8.14 12.62 19.23
C VAL B 304 -9.59 12.99 19.49
N CYS B 305 -10.09 14.01 18.78
CA CYS B 305 -11.45 14.49 18.98
C CYS B 305 -12.29 14.29 17.71
N ASP B 306 -11.65 13.83 16.63
CA ASP B 306 -12.34 13.37 15.43
C ASP B 306 -11.50 12.25 14.81
N PRO B 307 -12.02 11.03 14.88
CA PRO B 307 -11.25 9.86 14.44
C PRO B 307 -11.40 9.50 12.95
N ASP B 308 -12.15 10.30 12.18
CA ASP B 308 -12.38 9.96 10.77
C ASP B 308 -11.07 9.90 9.97
N LYS B 309 -11.08 9.11 8.91
CA LYS B 309 -9.91 8.93 8.07
C LYS B 309 -10.14 9.65 6.73
N TYR B 310 -9.47 10.78 6.51
CA TYR B 310 -9.62 11.54 5.26
C TYR B 310 -8.50 11.27 4.25
N PHE B 311 -8.84 11.35 2.96
CA PHE B 311 -7.87 11.04 1.92
C PHE B 311 -6.68 12.03 1.94
N TRP B 312 -6.99 13.32 2.05
CA TRP B 312 -5.95 14.31 1.89
C TRP B 312 -4.98 14.28 3.08
N VAL B 313 -5.45 13.88 4.25
CA VAL B 313 -4.56 13.81 5.42
C VAL B 313 -3.50 12.73 5.23
N GLN B 314 -3.91 11.56 4.74
CA GLN B 314 -2.94 10.52 4.39
C GLN B 314 -1.96 10.98 3.29
N ALA B 315 -2.46 11.71 2.29
CA ALA B 315 -1.60 12.00 1.13
C ALA B 315 -0.59 13.07 1.50
N GLU B 316 -1.08 14.15 2.10
CA GLU B 316 -0.20 15.22 2.51
C GLU B 316 0.84 14.69 3.50
N SER B 317 0.41 13.74 4.34
CA SER B 317 1.36 13.25 5.30
C SER B 317 2.43 12.43 4.62
N PHE B 318 2.12 11.60 3.62
CA PHE B 318 3.25 10.86 3.07
C PHE B 318 4.13 11.73 2.16
N ALA B 319 3.58 12.82 1.62
CA ALA B 319 4.46 13.74 0.90
C ALA B 319 5.48 14.30 1.87
N ALA B 320 4.98 14.75 3.03
CA ALA B 320 5.85 15.29 4.06
C ALA B 320 6.89 14.25 4.52
N ALA B 321 6.45 13.01 4.76
CA ALA B 321 7.38 11.98 5.22
C ALA B 321 8.46 11.80 4.19
N TRP B 322 8.07 11.77 2.91
CA TRP B 322 9.08 11.56 1.86
C TRP B 322 10.08 12.69 1.79
N LEU B 323 9.60 13.94 1.83
CA LEU B 323 10.54 15.07 1.80
C LEU B 323 11.46 15.08 3.02
N LEU B 324 10.90 14.73 4.16
CA LEU B 324 11.63 14.66 5.40
C LEU B 324 12.73 13.62 5.28
N TYR B 325 12.39 12.56 4.56
CA TYR B 325 13.29 11.45 4.41
C TYR B 325 14.43 11.82 3.49
N LYS B 326 14.15 12.58 2.44
CA LYS B 326 15.24 13.04 1.59
C LYS B 326 16.12 14.04 2.32
N ALA B 327 15.49 14.94 3.07
CA ALA B 327 16.20 16.02 3.76
C ALA B 327 17.06 15.54 4.94
N THR B 328 16.73 14.41 5.55
CA THR B 328 17.41 14.02 6.78
C THR B 328 18.14 12.67 6.71
N LYS B 329 17.66 11.82 5.82
CA LYS B 329 18.07 10.42 5.70
C LYS B 329 17.74 9.61 6.96
N ASP B 330 17.00 10.23 7.88
CA ASP B 330 16.42 9.50 9.01
C ASP B 330 15.41 8.52 8.41
N GLU B 331 15.62 7.23 8.68
CA GLU B 331 14.81 6.15 8.14
C GLU B 331 13.45 6.04 8.83
N THR B 332 13.29 6.76 9.93
CA THR B 332 11.99 6.85 10.57
C THR B 332 10.99 7.33 9.53
N TYR B 333 11.37 8.36 8.78
CA TYR B 333 10.45 9.01 7.86
C TYR B 333 10.12 8.13 6.67
N TYR B 334 11.10 7.36 6.21
CA TYR B 334 10.84 6.39 5.18
C TYR B 334 9.78 5.42 5.66
N LYS B 335 9.96 4.91 6.88
CA LYS B 335 8.99 3.97 7.42
C LYS B 335 7.61 4.58 7.48
N GLN B 336 7.55 5.86 7.82
CA GLN B 336 6.27 6.49 7.97
C GLN B 336 5.60 6.76 6.63
N TYR B 337 6.40 7.12 5.65
CA TYR B 337 5.96 7.21 4.27
C TYR B 337 5.30 5.90 3.85
N LEU B 338 6.02 4.81 4.11
CA LEU B 338 5.50 3.50 3.77
C LEU B 338 4.25 3.11 4.52
N THR B 339 4.21 3.44 5.80
CA THR B 339 3.11 3.09 6.67
C THR B 339 1.83 3.82 6.18
N LEU B 340 2.00 5.08 5.79
CA LEU B 340 0.92 5.87 5.29
C LEU B 340 0.40 5.30 3.98
N TRP B 341 1.33 4.93 3.10
CA TRP B 341 0.93 4.28 1.85
C TRP B 341 0.23 2.94 2.11
N GLU B 342 0.69 2.20 3.09
CA GLU B 342 0.08 0.90 3.35
C GLU B 342 -1.39 1.10 3.70
N PHE B 343 -1.63 1.98 4.67
CA PHE B 343 -3.00 2.21 5.07
C PHE B 343 -3.83 2.69 3.87
N SER B 344 -3.25 3.59 3.08
CA SER B 344 -3.96 4.17 1.95
C SER B 344 -4.34 3.10 0.94
N TRP B 345 -3.39 2.25 0.63
CA TRP B 345 -3.57 1.17 -0.32
C TRP B 345 -4.66 0.21 0.13
N ASN B 346 -4.66 -0.14 1.41
CA ASN B 346 -5.62 -1.12 1.92
C ASN B 346 -7.00 -0.54 2.23
N HIS B 347 -7.12 0.77 2.31
CA HIS B 347 -8.41 1.30 2.73
C HIS B 347 -8.93 2.55 2.01
N MET B 348 -8.05 3.35 1.44
CA MET B 348 -8.50 4.63 0.88
C MET B 348 -8.69 4.53 -0.63
N ILE B 349 -7.93 3.64 -1.27
CA ILE B 349 -7.81 3.65 -2.71
C ILE B 349 -8.74 2.63 -3.41
N ASP B 350 -9.61 3.12 -4.27
CA ASP B 350 -10.54 2.20 -4.94
C ASP B 350 -9.80 1.44 -6.03
N HIS B 351 -9.59 0.13 -5.84
CA HIS B 351 -8.82 -0.63 -6.82
C HIS B 351 -9.64 -1.06 -8.04
N THR B 352 -10.96 -0.95 -7.92
CA THR B 352 -11.88 -1.24 -9.01
C THR B 352 -12.03 -0.06 -9.96
N PHE B 353 -12.41 1.10 -9.44
CA PHE B 353 -12.73 2.24 -10.28
C PHE B 353 -11.62 3.29 -10.27
N GLY B 354 -10.74 3.22 -9.27
CA GLY B 354 -9.63 4.14 -9.23
C GLY B 354 -9.96 5.30 -8.33
N ALA B 355 -8.94 6.10 -8.02
CA ALA B 355 -9.05 7.31 -7.21
C ALA B 355 -9.30 7.02 -5.72
N TRP B 356 -9.24 8.06 -4.93
CA TRP B 356 -9.33 7.91 -3.48
C TRP B 356 -10.75 8.13 -2.93
N TYR B 357 -11.15 7.31 -1.97
CA TYR B 357 -12.36 7.57 -1.18
C TYR B 357 -12.12 8.87 -0.41
N ARG B 358 -13.15 9.62 -0.08
CA ARG B 358 -12.90 10.87 0.60
C ARG B 358 -12.71 10.64 2.09
N ILE B 359 -13.47 9.70 2.66
CA ILE B 359 -13.48 9.59 4.10
C ILE B 359 -13.94 8.23 4.60
N LEU B 360 -13.20 7.68 5.57
CA LEU B 360 -13.65 6.49 6.29
C LEU B 360 -13.94 6.84 7.74
N ASP B 361 -14.69 5.98 8.41
CA ASP B 361 -14.96 6.13 9.84
C ASP B 361 -13.84 5.56 10.73
N GLU B 362 -14.09 5.55 12.04
CA GLU B 362 -13.33 4.79 13.04
C GLU B 362 -12.66 3.51 12.54
N ASN B 363 -13.46 2.67 11.89
CA ASN B 363 -13.05 1.31 11.53
C ASN B 363 -12.67 1.15 10.09
N ASN B 364 -12.51 2.28 9.40
CA ASN B 364 -12.16 2.29 7.97
C ASN B 364 -13.32 1.81 7.09
N ALA B 365 -14.53 2.06 7.55
CA ALA B 365 -15.73 1.82 6.75
C ALA B 365 -16.11 3.09 5.98
N GLN B 366 -16.54 2.95 4.73
CA GLN B 366 -17.04 4.13 4.02
C GLN B 366 -18.34 4.62 4.66
N TYR B 367 -18.59 5.92 4.59
CA TYR B 367 -19.84 6.45 5.12
C TYR B 367 -20.95 6.30 4.08
N ASP B 368 -20.58 6.46 2.81
CA ASP B 368 -21.53 6.32 1.71
C ASP B 368 -20.70 6.11 0.45
N ASN B 369 -21.30 6.26 -0.73
CA ASN B 369 -20.52 6.00 -1.92
C ASN B 369 -20.24 7.26 -2.73
N ASN B 370 -20.19 8.41 -2.06
CA ASN B 370 -19.77 9.66 -2.70
C ASN B 370 -18.25 9.89 -2.71
N LYS B 371 -17.57 9.26 -3.68
CA LYS B 371 -16.14 9.40 -3.86
C LYS B 371 -15.66 10.84 -3.96
N SER B 372 -16.27 11.64 -4.82
CA SER B 372 -15.76 13.01 -4.98
C SER B 372 -16.84 14.07 -5.12
N PRO B 373 -17.29 14.60 -3.97
CA PRO B 373 -18.15 15.79 -4.00
C PRO B 373 -17.33 17.01 -4.39
N ALA B 374 -17.96 18.16 -4.61
CA ALA B 374 -17.21 19.34 -5.00
C ALA B 374 -16.16 19.66 -3.94
N GLY B 375 -14.97 20.04 -4.39
CA GLY B 375 -13.87 20.30 -3.51
C GLY B 375 -12.81 19.24 -3.64
N LYS B 376 -13.22 18.02 -3.96
CA LYS B 376 -12.25 16.94 -4.15
C LYS B 376 -12.10 16.50 -5.63
N THR B 377 -10.91 16.74 -6.18
CA THR B 377 -10.53 16.30 -7.52
C THR B 377 -9.32 15.35 -7.53
N ASP B 378 -8.90 14.93 -6.33
CA ASP B 378 -7.70 14.15 -6.16
C ASP B 378 -6.46 14.97 -6.63
N TYR B 379 -6.58 16.27 -6.47
CA TYR B 379 -5.47 17.21 -6.50
C TYR B 379 -4.50 16.90 -5.36
N HIS B 380 -5.03 16.58 -4.17
CA HIS B 380 -4.21 16.34 -3.01
C HIS B 380 -3.32 15.12 -3.21
N THR B 381 -3.94 14.03 -3.68
CA THR B 381 -3.19 12.79 -3.83
C THR B 381 -2.31 12.76 -5.09
N MET B 382 -2.81 13.31 -6.19
CA MET B 382 -1.95 13.34 -7.36
C MET B 382 -0.80 14.31 -7.13
N GLY B 383 -1.11 15.45 -6.53
CA GLY B 383 -0.08 16.42 -6.18
C GLY B 383 0.98 15.82 -5.29
N ALA B 384 0.57 15.10 -4.25
CA ALA B 384 1.51 14.50 -3.32
C ALA B 384 2.40 13.53 -4.09
N CYS B 385 1.78 12.72 -4.94
CA CYS B 385 2.57 11.80 -5.75
C CYS B 385 3.57 12.52 -6.66
N TYR B 386 3.15 13.59 -7.33
CA TYR B 386 4.03 14.34 -8.23
C TYR B 386 5.22 14.84 -7.45
N GLU B 387 4.96 15.28 -6.23
CA GLU B 387 5.99 15.89 -5.43
C GLU B 387 7.01 14.86 -5.00
N VAL B 388 6.56 13.65 -4.69
CA VAL B 388 7.52 12.58 -4.45
C VAL B 388 8.28 12.27 -5.73
N LEU B 389 7.57 12.21 -6.85
CA LEU B 389 8.16 11.81 -8.12
C LEU B 389 9.32 12.71 -8.50
N LYS B 390 9.15 13.98 -8.19
CA LYS B 390 10.12 15.01 -8.47
C LYS B 390 11.48 14.68 -7.83
N THR B 391 11.49 14.07 -6.64
CA THR B 391 12.77 13.71 -5.98
C THR B 391 13.45 12.49 -6.60
N LEU B 392 12.74 11.74 -7.44
CA LEU B 392 13.34 10.59 -8.12
C LEU B 392 13.79 10.98 -9.53
#